data_9CDU
#
_entry.id   9CDU
#
_cell.length_a   102.778
_cell.length_b   169.837
_cell.length_c   59.470
_cell.angle_alpha   90.000
_cell.angle_beta   90.000
_cell.angle_gamma   90.000
#
_symmetry.space_group_name_H-M   'P 21 21 2'
#
loop_
_entity.id
_entity.type
_entity.pdbx_description
1 polymer 'Rhombotarget A'
2 polymer 'RBB_D10 peptide'
3 non-polymer 'TETRAETHYLENE GLYCOL'
4 water water
#
loop_
_entity_poly.entity_id
_entity_poly.type
_entity_poly.pdbx_seq_one_letter_code
_entity_poly.pdbx_strand_id
1 'polypeptide(L)'
;MGADIEVTTTIDEDVDNTVCSLREAVELINKRNSSDSTVVASVKDGYHGCGNKDASSNIILQRDKEYTLNSRITITAPLT
ISTAKNDSTLVDTDQPGSHNATIKMAGTDQLFKIDDESVEKASFSVLLSDLNLQGAGANSKVLTGGLILNHEKLTIQNSR
LTGGYANQGGVIYNQGFASKSDRTFGFVYIVNSLIQNNKAAQGGVIYSEQPLFLITQSVIRDNEVSNTSGSLFFSQDSFD
DESTGEYVVQRAIGLSNSTVFHNKGGFITNVRDGMFVNNITMIKNDKGLFLEAPQGNASISNSILVGNTINCQANSTDKA
IIQSNLVTTECNRNASVKVPNILYPANQKLIAGSTDEGVCDVASKDGLLCPFNTPKDSFLGFFKPRLLESYNTLADSLII
NKGRLYSDGTSVGLASCETLDQRGKRRTGYDELCDLGAIEYIGLNDIFEAQKIEWHELEHHHHHH
;
A,C
2 'polypeptide(L)' KLFGPDPYLPENVQ B,D
#
loop_
_chem_comp.id
_chem_comp.type
_chem_comp.name
_chem_comp.formula
PG4 non-polymer 'TETRAETHYLENE GLYCOL' 'C8 H18 O5'
#
# COMPACT_ATOMS: atom_id res chain seq x y z
N GLY A 2 39.29 4.99 -7.47
CA GLY A 2 39.32 6.44 -7.40
C GLY A 2 39.31 6.98 -5.99
N ALA A 3 38.54 8.04 -5.76
CA ALA A 3 38.46 8.61 -4.43
C ALA A 3 37.70 7.70 -3.48
N ASP A 4 36.56 7.18 -3.92
CA ASP A 4 35.72 6.31 -3.12
C ASP A 4 35.71 4.90 -3.70
N ILE A 5 35.13 3.98 -2.94
CA ILE A 5 35.01 2.59 -3.35
C ILE A 5 33.69 2.44 -4.11
N GLU A 6 33.78 2.25 -5.42
CA GLU A 6 32.61 2.24 -6.29
C GLU A 6 32.26 0.81 -6.66
N VAL A 7 31.10 0.35 -6.20
CA VAL A 7 30.65 -1.00 -6.50
C VAL A 7 30.23 -1.09 -7.97
N THR A 8 30.75 -2.08 -8.68
CA THR A 8 30.55 -2.22 -10.11
C THR A 8 29.67 -3.40 -10.49
N THR A 9 28.94 -3.98 -9.53
CA THR A 9 28.02 -5.07 -9.84
C THR A 9 26.87 -5.04 -8.85
N THR A 10 25.74 -5.61 -9.27
CA THR A 10 24.56 -5.70 -8.42
C THR A 10 24.39 -7.09 -7.80
N ILE A 11 25.30 -8.02 -8.08
CA ILE A 11 25.20 -9.38 -7.58
C ILE A 11 26.12 -9.54 -6.37
N ASP A 12 25.76 -10.47 -5.49
CA ASP A 12 26.54 -10.76 -4.29
C ASP A 12 27.66 -11.73 -4.66
N GLU A 13 28.88 -11.21 -4.77
CA GLU A 13 30.02 -12.03 -5.15
C GLU A 13 31.16 -11.81 -4.17
N ASP A 14 32.04 -12.81 -4.10
CA ASP A 14 33.30 -12.74 -3.37
C ASP A 14 34.35 -13.48 -4.17
N VAL A 15 34.55 -13.05 -5.42
CA VAL A 15 35.45 -13.69 -6.36
C VAL A 15 36.54 -12.69 -6.72
N ASP A 16 37.80 -13.15 -6.67
CA ASP A 16 38.92 -12.31 -7.05
C ASP A 16 38.88 -12.05 -8.56
N ASN A 17 38.61 -10.82 -8.95
CA ASN A 17 38.52 -10.43 -10.35
C ASN A 17 38.64 -8.91 -10.41
N THR A 18 38.12 -8.32 -11.50
CA THR A 18 38.17 -6.87 -11.69
C THR A 18 36.84 -6.19 -11.43
N VAL A 19 35.85 -6.91 -10.90
CA VAL A 19 34.55 -6.35 -10.59
C VAL A 19 34.38 -6.33 -9.07
N CYS A 20 33.90 -5.20 -8.55
CA CYS A 20 33.79 -4.96 -7.11
C CYS A 20 32.33 -5.06 -6.67
N SER A 21 32.05 -5.91 -5.69
CA SER A 21 30.72 -6.08 -5.15
C SER A 21 30.59 -5.40 -3.79
N LEU A 22 29.36 -5.29 -3.31
CA LEU A 22 29.10 -4.67 -2.03
C LEU A 22 29.76 -5.44 -0.90
N ARG A 23 29.79 -6.77 -0.99
CA ARG A 23 30.40 -7.57 0.06
C ARG A 23 31.92 -7.41 0.07
N GLU A 24 32.55 -7.42 -1.11
CA GLU A 24 34.00 -7.26 -1.18
C GLU A 24 34.42 -5.85 -0.78
N ALA A 25 33.56 -4.85 -1.01
CA ALA A 25 33.88 -3.49 -0.60
C ALA A 25 33.90 -3.36 0.92
N VAL A 26 32.91 -3.93 1.59
CA VAL A 26 32.88 -3.90 3.06
C VAL A 26 34.07 -4.68 3.62
N GLU A 27 34.34 -5.86 3.08
CA GLU A 27 35.43 -6.70 3.58
C GLU A 27 36.78 -6.05 3.35
N LEU A 28 36.90 -5.19 2.33
CA LEU A 28 38.14 -4.45 2.13
C LEU A 28 38.39 -3.49 3.29
N ILE A 29 37.35 -2.77 3.71
CA ILE A 29 37.50 -1.85 4.84
C ILE A 29 37.67 -2.62 6.14
N ASN A 30 37.04 -3.80 6.25
CA ASN A 30 37.25 -4.63 7.43
C ASN A 30 38.70 -5.08 7.55
N LYS A 31 39.26 -5.64 6.47
CA LYS A 31 40.63 -6.12 6.50
C LYS A 31 41.64 -4.99 6.65
N ARG A 32 41.33 -3.81 6.10
CA ARG A 32 42.22 -2.67 6.27
C ARG A 32 42.36 -2.28 7.74
N ASN A 33 41.27 -2.34 8.49
CA ASN A 33 41.27 -1.97 9.90
C ASN A 33 41.60 -3.14 10.82
N SER A 34 42.03 -4.27 10.27
CA SER A 34 42.35 -5.43 11.09
C SER A 34 43.61 -5.17 11.91
N SER A 35 43.78 -5.98 12.95
CA SER A 35 44.98 -5.91 13.77
C SER A 35 46.11 -6.80 13.24
N ASP A 36 45.77 -7.92 12.60
CA ASP A 36 46.78 -8.78 11.99
C ASP A 36 47.39 -8.07 10.79
N SER A 37 48.69 -7.78 10.88
CA SER A 37 49.39 -7.17 9.76
C SER A 37 49.43 -8.07 8.54
N THR A 38 49.27 -9.38 8.72
CA THR A 38 49.17 -10.28 7.58
C THR A 38 47.87 -10.07 6.81
N VAL A 39 46.82 -9.63 7.48
CA VAL A 39 45.57 -9.34 6.79
C VAL A 39 45.59 -7.96 6.16
N VAL A 40 46.15 -6.98 6.88
CA VAL A 40 46.23 -5.62 6.33
C VAL A 40 47.12 -5.60 5.10
N ALA A 41 48.22 -6.36 5.13
CA ALA A 41 49.09 -6.43 3.97
C ALA A 41 48.43 -7.18 2.81
N SER A 42 47.48 -8.07 3.11
CA SER A 42 46.77 -8.78 2.06
C SER A 42 45.84 -7.87 1.28
N VAL A 43 45.49 -6.71 1.83
CA VAL A 43 44.64 -5.74 1.16
C VAL A 43 45.37 -4.43 0.93
N LYS A 44 46.71 -4.46 0.89
CA LYS A 44 47.47 -3.25 0.61
C LYS A 44 47.22 -2.71 -0.79
N ASP A 45 46.75 -3.56 -1.70
CA ASP A 45 46.50 -3.19 -3.09
C ASP A 45 45.06 -3.45 -3.51
N GLY A 46 44.14 -3.53 -2.56
CA GLY A 46 42.74 -3.82 -2.84
C GLY A 46 42.35 -5.20 -2.36
N TYR A 47 41.15 -5.62 -2.77
CA TYR A 47 40.65 -6.94 -2.39
C TYR A 47 39.61 -7.38 -3.41
N HIS A 48 39.94 -8.40 -4.20
CA HIS A 48 38.98 -9.08 -5.07
C HIS A 48 38.26 -8.11 -6.00
N GLY A 49 38.94 -7.04 -6.42
CA GLY A 49 38.40 -6.08 -7.35
C GLY A 49 38.07 -4.73 -6.76
N CYS A 50 37.82 -4.66 -5.46
CA CYS A 50 37.50 -3.39 -4.80
C CYS A 50 38.78 -2.66 -4.42
N GLY A 51 38.76 -1.35 -4.59
CA GLY A 51 39.91 -0.54 -4.24
C GLY A 51 39.61 0.93 -4.46
N ASN A 52 40.52 1.76 -3.95
CA ASN A 52 40.45 3.20 -4.12
C ASN A 52 41.79 3.80 -3.70
N LYS A 53 42.22 4.82 -4.44
CA LYS A 53 43.52 5.43 -4.16
C LYS A 53 43.50 6.22 -2.86
N ASP A 54 42.39 6.89 -2.57
CA ASP A 54 42.29 7.67 -1.34
C ASP A 54 42.27 6.78 -0.12
N ALA A 55 41.80 5.53 -0.26
CA ALA A 55 41.80 4.56 0.83
C ALA A 55 40.92 5.03 1.99
N SER A 56 39.83 5.73 1.66
CA SER A 56 38.84 6.10 2.66
C SER A 56 37.87 4.94 2.84
N SER A 57 36.80 5.17 3.60
CA SER A 57 35.83 4.11 3.86
C SER A 57 34.45 4.49 3.38
N ASN A 58 34.35 4.99 2.15
CA ASN A 58 33.08 5.37 1.54
C ASN A 58 32.77 4.41 0.39
N ILE A 59 31.62 3.76 0.46
CA ILE A 59 31.17 2.82 -0.56
C ILE A 59 30.04 3.47 -1.32
N ILE A 60 30.21 3.62 -2.64
CA ILE A 60 29.27 4.34 -3.49
C ILE A 60 28.47 3.33 -4.32
N LEU A 61 27.15 3.42 -4.22
CA LEU A 61 26.25 2.62 -5.05
C LEU A 61 25.60 3.53 -6.09
N GLN A 62 25.34 2.95 -7.26
CA GLN A 62 24.78 3.74 -8.36
C GLN A 62 23.28 3.94 -8.19
N ARG A 63 22.78 5.01 -8.79
CA ARG A 63 21.37 5.37 -8.67
C ARG A 63 20.49 4.37 -9.41
N ASP A 64 19.30 4.13 -8.85
CA ASP A 64 18.26 3.31 -9.46
C ASP A 64 18.69 1.87 -9.68
N LYS A 65 19.68 1.39 -8.92
CA LYS A 65 20.17 0.03 -9.06
C LYS A 65 19.77 -0.79 -7.84
N GLU A 66 19.38 -2.04 -8.08
CA GLU A 66 18.96 -2.96 -7.02
C GLU A 66 20.12 -3.91 -6.74
N TYR A 67 20.74 -3.75 -5.57
CA TYR A 67 21.86 -4.58 -5.17
C TYR A 67 21.38 -5.74 -4.32
N THR A 68 21.74 -6.96 -4.71
CA THR A 68 21.21 -8.18 -4.14
C THR A 68 22.21 -8.81 -3.18
N LEU A 69 21.73 -9.21 -2.01
CA LEU A 69 22.52 -9.95 -1.03
C LEU A 69 21.90 -11.33 -0.85
N ASN A 70 22.74 -12.36 -0.83
CA ASN A 70 22.31 -13.72 -0.55
C ASN A 70 22.41 -14.06 0.93
N SER A 71 23.14 -13.26 1.71
CA SER A 71 23.24 -13.44 3.15
C SER A 71 23.68 -12.11 3.74
N ARG A 72 23.79 -12.06 5.06
CA ARG A 72 24.16 -10.82 5.72
C ARG A 72 25.62 -10.48 5.47
N ILE A 73 25.96 -9.22 5.72
CA ILE A 73 27.33 -8.71 5.62
C ILE A 73 27.73 -8.18 6.99
N THR A 74 28.87 -8.66 7.49
CA THR A 74 29.37 -8.24 8.80
C THR A 74 30.29 -7.05 8.63
N ILE A 75 29.94 -5.93 9.26
CA ILE A 75 30.73 -4.71 9.23
C ILE A 75 31.47 -4.59 10.56
N THR A 76 32.80 -4.61 10.49
CA THR A 76 33.65 -4.54 11.69
C THR A 76 34.55 -3.31 11.68
N ALA A 77 34.25 -2.31 10.86
CA ALA A 77 35.08 -1.13 10.75
C ALA A 77 34.20 0.05 10.39
N PRO A 78 34.61 1.27 10.75
CA PRO A 78 33.81 2.45 10.39
C PRO A 78 33.82 2.70 8.90
N LEU A 79 32.64 2.89 8.33
CA LEU A 79 32.50 3.12 6.89
C LEU A 79 31.17 3.82 6.62
N THR A 80 30.97 4.19 5.37
CA THR A 80 29.72 4.78 4.90
C THR A 80 29.28 4.09 3.62
N ILE A 81 27.97 3.92 3.47
CA ILE A 81 27.37 3.36 2.26
C ILE A 81 26.28 4.33 1.80
N SER A 82 26.46 4.89 0.60
CA SER A 82 25.53 5.88 0.09
C SER A 82 25.37 5.71 -1.41
N THR A 83 24.40 6.41 -1.97
CA THR A 83 24.13 6.43 -3.40
C THR A 83 24.84 7.62 -4.04
N ALA A 84 25.14 7.49 -5.33
CA ALA A 84 25.85 8.54 -6.05
C ALA A 84 25.10 9.86 -5.98
N LYS A 85 25.86 10.94 -5.75
CA LYS A 85 25.29 12.26 -5.49
C LYS A 85 25.03 13.06 -6.77
N ASN A 86 26.05 13.19 -7.62
CA ASN A 86 25.93 14.04 -8.79
C ASN A 86 24.86 13.53 -9.74
N ASP A 87 23.93 14.42 -10.10
CA ASP A 87 22.84 14.03 -10.98
C ASP A 87 23.32 13.75 -12.40
N SER A 88 24.41 14.42 -12.82
CA SER A 88 24.98 14.25 -14.15
C SER A 88 23.95 14.48 -15.26
N VAL A 91 20.77 19.03 -13.51
CA VAL A 91 19.40 18.51 -13.59
C VAL A 91 19.13 17.62 -12.38
N ASP A 92 18.83 18.25 -11.24
CA ASP A 92 18.55 17.54 -9.99
C ASP A 92 17.19 18.00 -9.46
N THR A 93 16.16 17.83 -10.27
CA THR A 93 14.81 18.29 -9.96
C THR A 93 13.81 17.14 -10.07
N ASP A 94 14.11 16.03 -9.41
CA ASP A 94 13.19 14.91 -9.30
C ASP A 94 12.70 14.79 -7.86
N GLN A 95 11.71 13.93 -7.66
CA GLN A 95 11.18 13.72 -6.33
C GLN A 95 12.26 13.17 -5.41
N PRO A 96 12.57 13.84 -4.30
CA PRO A 96 13.60 13.32 -3.38
C PRO A 96 13.24 11.92 -2.89
N GLY A 97 14.27 11.16 -2.54
CA GLY A 97 14.12 9.77 -2.18
C GLY A 97 14.16 8.83 -3.36
N SER A 98 13.67 9.27 -4.52
CA SER A 98 13.84 8.51 -5.74
C SER A 98 15.31 8.51 -6.16
N HIS A 99 15.63 7.64 -7.12
CA HIS A 99 16.99 7.38 -7.58
C HIS A 99 17.91 6.87 -6.48
N ASN A 100 17.35 6.41 -5.35
CA ASN A 100 18.13 5.78 -4.31
C ASN A 100 18.47 4.35 -4.70
N ALA A 101 19.70 3.92 -4.39
CA ALA A 101 20.06 2.53 -4.57
C ALA A 101 19.25 1.65 -3.61
N THR A 102 19.10 0.38 -3.99
CA THR A 102 18.32 -0.57 -3.22
C THR A 102 19.21 -1.76 -2.84
N ILE A 103 19.21 -2.10 -1.56
CA ILE A 103 19.91 -3.27 -1.06
C ILE A 103 18.83 -4.23 -0.57
N LYS A 104 18.53 -5.26 -1.36
CA LYS A 104 17.48 -6.20 -1.03
C LYS A 104 18.07 -7.57 -0.72
N MET A 105 17.31 -8.34 0.08
CA MET A 105 17.72 -9.68 0.48
C MET A 105 17.13 -10.71 -0.48
N ALA A 106 17.97 -11.61 -0.97
CA ALA A 106 17.52 -12.67 -1.87
C ALA A 106 17.21 -13.97 -1.15
N GLY A 107 17.46 -14.05 0.15
CA GLY A 107 17.21 -15.28 0.90
C GLY A 107 16.38 -15.07 2.14
N THR A 108 16.89 -15.52 3.29
CA THR A 108 16.17 -15.47 4.54
C THR A 108 16.90 -14.74 5.66
N ASP A 109 18.12 -14.25 5.41
CA ASP A 109 18.96 -13.66 6.44
C ASP A 109 18.74 -12.15 6.51
N GLN A 110 19.37 -11.53 7.52
CA GLN A 110 19.35 -10.09 7.67
C GLN A 110 20.29 -9.44 6.66
N LEU A 111 20.33 -8.11 6.66
CA LEU A 111 21.18 -7.39 5.70
C LEU A 111 22.58 -7.16 6.25
N PHE A 112 22.70 -6.63 7.46
CA PHE A 112 24.00 -6.28 8.03
C PHE A 112 24.07 -6.67 9.49
N LYS A 113 25.29 -6.94 9.94
CA LYS A 113 25.64 -6.98 11.36
C LYS A 113 26.79 -6.03 11.58
N ILE A 114 26.64 -5.12 12.54
CA ILE A 114 27.61 -4.05 12.78
C ILE A 114 28.15 -4.25 14.19
N ASP A 115 29.36 -4.79 14.28
CA ASP A 115 29.99 -5.07 15.57
C ASP A 115 31.48 -5.30 15.36
N ASP A 116 32.29 -4.69 16.22
CA ASP A 116 33.74 -4.88 16.17
C ASP A 116 34.18 -6.24 16.72
N GLU A 117 33.25 -7.01 17.30
CA GLU A 117 33.53 -8.36 17.79
C GLU A 117 34.63 -8.37 18.86
N SER A 118 34.59 -7.36 19.75
CA SER A 118 35.61 -7.25 20.78
C SER A 118 35.08 -6.42 21.93
N VAL A 119 35.60 -6.71 23.12
CA VAL A 119 35.26 -5.98 24.34
C VAL A 119 36.21 -4.79 24.48
N GLU A 120 35.74 -3.76 25.20
CA GLU A 120 36.50 -2.57 25.55
C GLU A 120 36.70 -1.62 24.36
N LYS A 121 36.88 -2.18 23.16
CA LYS A 121 37.09 -1.36 21.96
C LYS A 121 35.90 -0.44 21.73
N ALA A 122 36.11 0.87 21.89
CA ALA A 122 35.03 1.84 21.80
C ALA A 122 34.28 1.72 20.47
N SER A 123 33.00 2.08 20.50
CA SER A 123 32.15 1.91 19.33
C SER A 123 32.54 2.89 18.22
N PHE A 124 32.59 2.37 16.99
CA PHE A 124 32.86 3.21 15.84
C PHE A 124 31.55 3.67 15.21
N SER A 125 31.64 4.42 14.11
CA SER A 125 30.49 5.03 13.48
C SER A 125 30.27 4.45 12.09
N VAL A 126 28.99 4.37 11.69
CA VAL A 126 28.58 3.87 10.38
C VAL A 126 27.46 4.76 9.87
N LEU A 127 27.57 5.19 8.62
CA LEU A 127 26.56 6.03 7.99
C LEU A 127 25.96 5.30 6.79
N LEU A 128 24.63 5.21 6.76
CA LEU A 128 23.89 4.64 5.64
C LEU A 128 22.96 5.73 5.12
N SER A 129 23.24 6.23 3.93
CA SER A 129 22.52 7.38 3.38
C SER A 129 21.95 7.07 2.01
N ASP A 130 20.70 7.48 1.79
CA ASP A 130 20.06 7.42 0.48
C ASP A 130 20.01 5.99 -0.07
N LEU A 131 19.54 5.07 0.77
CA LEU A 131 19.46 3.66 0.41
C LEU A 131 18.05 3.14 0.62
N ASN A 132 17.72 2.05 -0.08
CA ASN A 132 16.48 1.32 0.12
C ASN A 132 16.86 -0.05 0.66
N LEU A 133 16.68 -0.23 1.96
CA LEU A 133 16.99 -1.50 2.62
C LEU A 133 15.72 -2.34 2.67
N GLN A 134 15.69 -3.41 1.87
CA GLN A 134 14.52 -4.28 1.76
C GLN A 134 14.90 -5.66 2.29
N GLY A 135 14.14 -6.15 3.27
CA GLY A 135 14.45 -7.40 3.93
C GLY A 135 13.78 -8.59 3.30
N ALA A 136 13.85 -9.71 4.02
CA ALA A 136 13.27 -10.97 3.54
C ALA A 136 11.77 -11.04 3.75
N GLY A 137 11.21 -10.18 4.59
CA GLY A 137 9.76 -10.15 4.76
C GLY A 137 9.23 -11.45 5.32
N ALA A 138 8.21 -12.01 4.66
CA ALA A 138 7.60 -13.25 5.13
C ALA A 138 8.55 -14.44 4.98
N ASN A 139 9.61 -14.31 4.19
CA ASN A 139 10.61 -15.36 4.05
C ASN A 139 11.72 -15.27 5.10
N SER A 140 11.59 -14.36 6.06
CA SER A 140 12.66 -14.12 7.02
C SER A 140 12.76 -15.25 8.04
N LYS A 141 13.97 -15.80 8.19
CA LYS A 141 14.30 -16.68 9.30
C LYS A 141 15.17 -15.97 10.34
N VAL A 142 15.09 -14.64 10.40
CA VAL A 142 15.94 -13.86 11.29
C VAL A 142 15.34 -13.87 12.69
N LEU A 143 16.19 -14.11 13.69
CA LEU A 143 15.74 -14.09 15.08
C LEU A 143 15.80 -12.68 15.67
N THR A 144 16.94 -12.01 15.51
CA THR A 144 17.17 -10.69 16.08
C THR A 144 17.68 -9.76 15.00
N GLY A 145 16.99 -8.63 14.80
CA GLY A 145 17.41 -7.66 13.81
C GLY A 145 17.10 -8.10 12.38
N GLY A 146 15.85 -7.91 11.95
CA GLY A 146 15.45 -8.36 10.63
C GLY A 146 16.23 -7.70 9.51
N LEU A 147 16.58 -6.42 9.68
CA LEU A 147 17.42 -5.73 8.71
C LEU A 147 18.86 -5.59 9.21
N ILE A 148 19.07 -5.08 10.42
CA ILE A 148 20.40 -4.80 10.94
C ILE A 148 20.47 -5.26 12.39
N LEU A 149 21.54 -5.97 12.74
CA LEU A 149 21.90 -6.25 14.12
C LEU A 149 23.03 -5.31 14.49
N ASN A 150 22.75 -4.32 15.33
CA ASN A 150 23.67 -3.22 15.59
C ASN A 150 24.30 -3.32 16.97
N HIS A 151 25.60 -3.04 17.03
CA HIS A 151 26.30 -2.89 18.31
C HIS A 151 27.21 -1.68 18.29
N GLU A 152 27.09 -0.81 17.28
CA GLU A 152 27.95 0.36 17.10
C GLU A 152 27.07 1.60 16.96
N LYS A 153 27.71 2.74 16.73
CA LYS A 153 27.01 4.02 16.57
C LYS A 153 26.58 4.14 15.11
N LEU A 154 25.30 3.90 14.86
CA LEU A 154 24.76 3.80 13.50
C LEU A 154 23.86 4.99 13.20
N THR A 155 24.02 5.56 12.01
CA THR A 155 23.23 6.70 11.56
C THR A 155 22.67 6.40 10.19
N ILE A 156 21.34 6.35 10.08
CA ILE A 156 20.64 6.09 8.84
C ILE A 156 19.86 7.35 8.45
N GLN A 157 20.01 7.78 7.21
CA GLN A 157 19.37 9.00 6.75
C GLN A 157 18.91 8.84 5.31
N ASN A 158 17.81 9.53 4.98
CA ASN A 158 17.28 9.62 3.61
C ASN A 158 17.02 8.25 3.00
N SER A 159 16.58 7.30 3.83
CA SER A 159 16.51 5.91 3.42
C SER A 159 15.10 5.36 3.58
N ARG A 160 14.86 4.20 2.96
CA ARG A 160 13.65 3.42 3.16
C ARG A 160 14.02 2.13 3.89
N LEU A 161 13.28 1.82 4.94
CA LEU A 161 13.52 0.63 5.75
C LEU A 161 12.27 -0.24 5.70
N THR A 162 12.30 -1.29 4.88
CA THR A 162 11.15 -2.15 4.67
C THR A 162 11.57 -3.62 4.75
N GLY A 163 10.59 -4.48 5.02
CA GLY A 163 10.80 -5.91 5.02
C GLY A 163 11.49 -6.47 6.24
N GLY A 164 11.62 -5.68 7.31
CA GLY A 164 12.30 -6.15 8.50
C GLY A 164 11.45 -7.04 9.37
N TYR A 165 11.66 -8.36 9.25
CA TYR A 165 10.90 -9.35 10.01
C TYR A 165 11.85 -10.14 10.91
N ALA A 166 11.52 -10.23 12.19
CA ALA A 166 12.34 -10.94 13.16
C ALA A 166 11.50 -11.21 14.39
N ASN A 167 12.09 -11.93 15.35
CA ASN A 167 11.42 -12.12 16.63
C ASN A 167 11.62 -10.91 17.54
N GLN A 168 12.83 -10.35 17.56
CA GLN A 168 13.13 -9.14 18.31
C GLN A 168 13.84 -8.16 17.37
N GLY A 169 13.27 -6.97 17.23
CA GLY A 169 13.86 -5.96 16.37
C GLY A 169 13.57 -6.18 14.90
N GLY A 170 12.43 -5.69 14.44
CA GLY A 170 12.05 -5.82 13.04
C GLY A 170 13.08 -5.19 12.12
N VAL A 171 13.32 -3.89 12.28
CA VAL A 171 14.35 -3.22 11.48
C VAL A 171 15.72 -3.41 12.12
N ILE A 172 15.87 -2.99 13.38
CA ILE A 172 17.17 -2.96 14.04
C ILE A 172 17.04 -3.58 15.42
N TYR A 173 17.94 -4.50 15.75
CA TYR A 173 18.18 -4.92 17.13
C TYR A 173 19.41 -4.18 17.62
N ASN A 174 19.19 -3.22 18.52
CA ASN A 174 20.28 -2.40 19.05
C ASN A 174 20.79 -3.05 20.33
N GLN A 175 22.01 -3.56 20.30
CA GLN A 175 22.63 -4.24 21.42
C GLN A 175 23.57 -3.29 22.16
N GLY A 176 23.69 -3.51 23.47
CA GLY A 176 24.62 -2.73 24.26
C GLY A 176 24.02 -2.10 25.50
N PHE A 177 24.78 -2.07 26.59
CA PHE A 177 24.37 -1.44 27.83
C PHE A 177 25.28 -0.25 28.12
N ALA A 178 24.69 0.89 28.46
CA ALA A 178 25.43 2.13 28.65
C ALA A 178 25.57 2.55 30.10
N SER A 179 24.85 1.94 31.03
CA SER A 179 24.83 2.42 32.41
C SER A 179 26.19 2.25 33.08
N LYS A 180 26.89 1.17 32.79
CA LYS A 180 28.19 0.92 33.40
C LYS A 180 29.29 1.71 32.68
N SER A 181 30.55 1.28 32.85
CA SER A 181 31.67 1.90 32.17
C SER A 181 31.99 1.23 30.84
N ASP A 182 30.98 0.74 30.13
CA ASP A 182 31.17 0.03 28.87
C ASP A 182 30.79 0.98 27.73
N ARG A 183 31.80 1.39 26.95
CA ARG A 183 31.59 2.30 25.83
C ARG A 183 31.35 1.57 24.51
N THR A 184 31.18 0.25 24.55
CA THR A 184 30.91 -0.54 23.36
C THR A 184 29.43 -0.56 22.97
N PHE A 185 28.60 0.30 23.57
CA PHE A 185 27.17 0.24 23.32
C PHE A 185 26.86 0.56 21.86
N GLY A 186 25.61 0.32 21.48
CA GLY A 186 25.11 0.65 20.16
C GLY A 186 24.07 1.75 20.25
N PHE A 187 24.15 2.70 19.33
CA PHE A 187 23.18 3.78 19.24
C PHE A 187 22.66 3.87 17.80
N VAL A 188 21.38 4.17 17.67
CA VAL A 188 20.72 4.20 16.36
C VAL A 188 20.05 5.57 16.20
N TYR A 189 20.44 6.29 15.14
CA TYR A 189 19.88 7.60 14.82
C TYR A 189 19.32 7.55 13.40
N ILE A 190 18.01 7.66 13.27
CA ILE A 190 17.32 7.57 11.99
C ILE A 190 16.64 8.90 11.72
N VAL A 191 17.02 9.54 10.62
CA VAL A 191 16.52 10.86 10.26
C VAL A 191 16.08 10.86 8.80
N ASN A 192 14.92 11.45 8.54
CA ASN A 192 14.42 11.66 7.17
C ASN A 192 14.26 10.34 6.42
N SER A 193 13.64 9.37 7.07
CA SER A 193 13.53 8.03 6.52
C SER A 193 12.08 7.53 6.59
N LEU A 194 11.84 6.41 5.93
CA LEU A 194 10.51 5.79 5.87
C LEU A 194 10.61 4.38 6.43
N ILE A 195 9.94 4.14 7.54
CA ILE A 195 9.86 2.83 8.18
C ILE A 195 8.49 2.24 7.86
N GLN A 196 8.45 1.22 7.01
CA GLN A 196 7.20 0.66 6.52
C GLN A 196 7.32 -0.84 6.34
N ASN A 197 6.25 -1.55 6.70
CA ASN A 197 6.16 -3.01 6.52
C ASN A 197 7.26 -3.73 7.28
N ASN A 198 7.23 -3.60 8.60
CA ASN A 198 8.16 -4.27 9.48
C ASN A 198 7.41 -4.89 10.65
N LYS A 199 7.88 -6.04 11.09
CA LYS A 199 7.12 -6.87 12.03
C LYS A 199 8.08 -7.59 12.97
N ALA A 200 7.67 -7.71 14.23
CA ALA A 200 8.43 -8.45 15.22
C ALA A 200 7.50 -8.84 16.36
N ALA A 201 7.92 -9.85 17.12
CA ALA A 201 7.17 -10.21 18.32
C ALA A 201 7.36 -9.17 19.43
N GLN A 202 8.56 -8.58 19.50
CA GLN A 202 8.84 -7.49 20.42
C GLN A 202 9.84 -6.56 19.74
N GLY A 203 9.63 -5.25 19.89
CA GLY A 203 10.42 -4.29 19.15
C GLY A 203 10.12 -4.37 17.68
N GLY A 204 8.91 -3.94 17.29
CA GLY A 204 8.50 -4.09 15.91
C GLY A 204 9.41 -3.38 14.93
N VAL A 205 9.93 -2.21 15.32
CA VAL A 205 10.88 -1.49 14.50
C VAL A 205 12.27 -1.65 15.07
N ILE A 206 12.46 -1.22 16.32
CA ILE A 206 13.76 -1.29 16.98
C ILE A 206 13.60 -1.99 18.32
N TYR A 207 14.41 -3.02 18.56
CA TYR A 207 14.56 -3.62 19.87
C TYR A 207 15.90 -3.16 20.42
N SER A 208 15.86 -2.29 21.43
CA SER A 208 17.05 -1.77 22.07
C SER A 208 17.05 -2.23 23.53
N GLU A 209 18.18 -2.80 23.96
CA GLU A 209 18.31 -3.25 25.34
C GLU A 209 18.23 -2.10 26.33
N GLN A 210 18.54 -0.89 25.90
CA GLN A 210 18.39 0.32 26.69
C GLN A 210 17.92 1.44 25.77
N PRO A 211 17.31 2.50 26.32
CA PRO A 211 16.90 3.63 25.48
C PRO A 211 18.08 4.26 24.76
N LEU A 212 18.39 3.78 23.56
CA LEU A 212 19.59 4.19 22.83
C LEU A 212 19.25 4.45 21.36
N PHE A 213 18.17 5.17 21.12
CA PHE A 213 17.73 5.45 19.75
C PHE A 213 17.13 6.85 19.67
N LEU A 214 17.15 7.40 18.46
CA LEU A 214 16.57 8.72 18.20
C LEU A 214 16.03 8.73 16.78
N ILE A 215 14.72 8.93 16.66
CA ILE A 215 14.04 8.99 15.36
C ILE A 215 13.52 10.41 15.17
N THR A 216 13.89 11.04 14.06
CA THR A 216 13.45 12.39 13.78
C THR A 216 13.16 12.56 12.29
N GLN A 217 12.19 13.42 12.00
CA GLN A 217 11.84 13.79 10.62
C GLN A 217 11.55 12.58 9.75
N SER A 218 10.98 11.53 10.34
CA SER A 218 10.73 10.27 9.66
C SER A 218 9.24 9.96 9.64
N VAL A 219 8.89 8.89 8.93
CA VAL A 219 7.50 8.44 8.82
C VAL A 219 7.47 6.96 9.19
N ILE A 220 6.66 6.60 10.18
CA ILE A 220 6.55 5.24 10.67
C ILE A 220 5.13 4.77 10.40
N ARG A 221 4.97 3.85 9.46
CA ARG A 221 3.65 3.39 9.05
C ARG A 221 3.68 1.90 8.72
N ASP A 222 2.53 1.25 8.92
CA ASP A 222 2.31 -0.13 8.50
C ASP A 222 3.29 -1.10 9.17
N ASN A 223 3.59 -0.86 10.43
CA ASN A 223 4.44 -1.74 11.21
C ASN A 223 3.63 -2.43 12.30
N GLU A 224 4.17 -3.53 12.82
CA GLU A 224 3.44 -4.35 13.76
C GLU A 224 4.40 -4.96 14.79
N VAL A 225 3.97 -4.96 16.04
CA VAL A 225 4.57 -5.79 17.08
C VAL A 225 3.50 -6.75 17.58
N SER A 226 3.76 -8.05 17.42
CA SER A 226 2.72 -9.06 17.62
C SER A 226 2.22 -9.06 19.06
N ASN A 227 3.12 -8.88 20.02
CA ASN A 227 2.71 -8.82 21.42
C ASN A 227 2.00 -7.49 21.69
N THR A 228 0.72 -7.55 22.03
CA THR A 228 -0.06 -6.34 22.26
C THR A 228 0.44 -5.53 23.46
N SER A 229 1.29 -6.11 24.30
CA SER A 229 1.95 -5.37 25.36
C SER A 229 3.32 -4.85 24.96
N GLY A 230 3.83 -5.27 23.80
CA GLY A 230 5.11 -4.80 23.31
C GLY A 230 5.03 -3.42 22.70
N SER A 231 6.11 -3.05 22.01
CA SER A 231 6.20 -1.73 21.40
C SER A 231 7.02 -1.83 20.12
N LEU A 232 6.83 -0.84 19.24
CA LEU A 232 7.65 -0.77 18.04
C LEU A 232 9.07 -0.34 18.38
N PHE A 233 9.21 0.70 19.20
CA PHE A 233 10.51 1.21 19.63
C PHE A 233 10.67 0.81 21.10
N PHE A 234 11.12 -0.43 21.32
CA PHE A 234 11.11 -1.04 22.63
C PHE A 234 12.44 -0.82 23.35
N SER A 235 12.34 -0.55 24.65
CA SER A 235 13.50 -0.45 25.54
C SER A 235 13.38 -1.56 26.57
N GLN A 236 14.31 -2.52 26.53
CA GLN A 236 14.28 -3.66 27.42
C GLN A 236 14.46 -3.22 28.87
N ASP A 237 15.65 -2.75 29.24
CA ASP A 237 15.91 -2.27 30.58
C ASP A 237 16.02 -0.75 30.59
N SER A 238 15.96 -0.19 31.79
CA SER A 238 16.07 1.24 32.01
C SER A 238 17.48 1.58 32.49
N PHE A 239 17.79 2.88 32.44
CA PHE A 239 19.07 3.34 32.94
C PHE A 239 19.12 3.25 34.46
N ASP A 240 20.29 2.89 34.99
CA ASP A 240 20.47 2.75 36.44
C ASP A 240 20.70 4.10 37.10
N ASP A 241 19.70 4.98 36.94
CA ASP A 241 19.73 6.32 37.50
C ASP A 241 21.00 7.08 37.12
N GLU A 242 21.43 6.88 35.87
CA GLU A 242 22.62 7.55 35.35
C GLU A 242 22.30 9.01 35.02
N SER A 243 21.66 9.70 35.95
CA SER A 243 21.16 11.06 35.74
C SER A 243 20.28 11.12 34.49
N THR A 244 19.16 10.41 34.55
CA THR A 244 18.21 10.43 33.45
C THR A 244 17.64 11.81 33.21
N GLY A 245 17.66 12.69 34.22
CA GLY A 245 17.27 14.07 34.00
C GLY A 245 18.21 14.80 33.08
N GLU A 246 19.49 14.40 33.05
CA GLU A 246 20.43 14.96 32.08
C GLU A 246 20.16 14.42 30.68
N TYR A 247 19.70 13.19 30.57
CA TYR A 247 19.42 12.61 29.26
C TYR A 247 18.24 13.29 28.59
N VAL A 248 17.28 13.79 29.36
CA VAL A 248 16.04 14.30 28.78
C VAL A 248 16.15 15.77 28.38
N VAL A 249 16.98 16.56 29.07
CA VAL A 249 17.11 17.97 28.71
C VAL A 249 17.91 18.12 27.41
N GLN A 250 18.78 17.16 27.11
CA GLN A 250 19.47 17.17 25.83
C GLN A 250 18.60 16.72 24.67
N ARG A 251 17.49 16.02 24.96
CA ARG A 251 16.58 15.51 23.94
C ARG A 251 17.35 14.66 22.91
N ALA A 252 18.07 13.67 23.42
CA ALA A 252 18.90 12.81 22.59
C ALA A 252 18.30 11.43 22.36
N ILE A 253 17.31 11.02 23.14
CA ILE A 253 16.73 9.70 23.05
C ILE A 253 15.22 9.85 22.89
N GLY A 254 14.67 9.34 21.79
CA GLY A 254 13.24 9.37 21.59
C GLY A 254 12.76 9.63 20.17
N LEU A 255 11.58 10.23 20.05
CA LEU A 255 10.92 10.44 18.76
C LEU A 255 10.58 11.91 18.61
N SER A 256 10.77 12.44 17.40
CA SER A 256 10.48 13.84 17.16
C SER A 256 10.19 14.05 15.68
N ASN A 257 9.34 15.05 15.40
CA ASN A 257 9.05 15.52 14.04
C ASN A 257 8.69 14.37 13.11
N SER A 258 7.93 13.40 13.62
CA SER A 258 7.66 12.17 12.89
C SER A 258 6.17 11.89 12.83
N THR A 259 5.72 11.39 11.69
CA THR A 259 4.34 10.97 11.50
C THR A 259 4.23 9.47 11.74
N VAL A 260 3.34 9.08 12.64
CA VAL A 260 3.17 7.68 13.04
C VAL A 260 1.70 7.32 12.89
N PHE A 261 1.40 6.39 11.99
CA PHE A 261 0.01 6.03 11.72
C PHE A 261 -0.06 4.65 11.10
N HIS A 262 -1.24 4.02 11.22
CA HIS A 262 -1.53 2.72 10.62
C HIS A 262 -0.59 1.62 11.11
N ASN A 263 -0.14 1.71 12.35
CA ASN A 263 0.67 0.67 12.96
C ASN A 263 -0.21 -0.22 13.83
N LYS A 264 0.15 -1.50 13.90
CA LYS A 264 -0.72 -2.52 14.48
C LYS A 264 -0.03 -3.21 15.65
N GLY A 265 -0.85 -3.84 16.49
CA GLY A 265 -0.35 -4.64 17.59
C GLY A 265 -0.21 -3.83 18.87
N GLY A 266 1.00 -3.79 19.42
CA GLY A 266 1.27 -3.12 20.66
C GLY A 266 1.46 -1.62 20.48
N PHE A 267 2.14 -1.03 21.46
CA PHE A 267 2.32 0.42 21.51
C PHE A 267 3.36 0.88 20.49
N ILE A 268 3.43 2.21 20.31
CA ILE A 268 4.45 2.78 19.44
C ILE A 268 5.81 2.71 20.13
N THR A 269 5.87 3.11 21.39
CA THR A 269 7.11 3.03 22.17
C THR A 269 6.75 3.05 23.64
N ASN A 270 7.65 2.51 24.46
CA ASN A 270 7.53 2.55 25.91
C ASN A 270 8.44 3.66 26.43
N VAL A 271 7.82 4.73 26.92
CA VAL A 271 8.57 5.90 27.36
C VAL A 271 9.18 5.62 28.73
N ARG A 272 10.51 5.60 28.78
CA ARG A 272 11.25 5.44 30.03
C ARG A 272 11.89 6.76 30.42
N ASP A 273 12.52 6.78 31.59
CA ASP A 273 13.24 7.95 32.04
C ASP A 273 14.42 8.23 31.11
N GLY A 274 14.54 9.49 30.69
CA GLY A 274 15.58 9.91 29.78
C GLY A 274 15.11 10.11 28.36
N MET A 275 13.93 9.60 28.01
CA MET A 275 13.41 9.72 26.66
C MET A 275 12.51 10.93 26.53
N PHE A 276 12.32 11.37 25.29
CA PHE A 276 11.50 12.54 24.99
C PHE A 276 10.70 12.28 23.72
N VAL A 277 9.54 12.93 23.64
CA VAL A 277 8.71 12.93 22.45
C VAL A 277 8.27 14.36 22.20
N ASN A 278 8.57 14.87 21.01
CA ASN A 278 8.30 16.29 20.73
C ASN A 278 7.88 16.45 19.27
N ASN A 279 6.72 17.07 19.06
CA ASN A 279 6.25 17.47 17.73
C ASN A 279 6.07 16.26 16.79
N ILE A 280 5.35 15.26 17.27
CA ILE A 280 5.00 14.11 16.43
C ILE A 280 3.49 14.11 16.23
N THR A 281 3.07 13.43 15.16
CA THR A 281 1.65 13.21 14.88
C THR A 281 1.39 11.71 14.98
N MET A 282 0.75 11.29 16.06
CA MET A 282 0.51 9.88 16.36
C MET A 282 -1.00 9.64 16.32
N ILE A 283 -1.52 9.29 15.15
CA ILE A 283 -2.95 9.10 14.94
C ILE A 283 -3.18 7.79 14.21
N LYS A 284 -4.39 7.24 14.39
CA LYS A 284 -4.87 6.10 13.62
C LYS A 284 -3.97 4.88 13.77
N ASN A 285 -3.51 4.62 14.99
CA ASN A 285 -2.79 3.40 15.32
C ASN A 285 -3.63 2.55 16.27
N ASP A 286 -3.20 1.29 16.43
CA ASP A 286 -3.83 0.43 17.44
C ASP A 286 -3.57 0.97 18.84
N LYS A 287 -2.30 1.09 19.22
CA LYS A 287 -1.92 1.61 20.52
C LYS A 287 -0.87 2.69 20.34
N GLY A 288 -0.88 3.66 21.26
CA GLY A 288 0.03 4.79 21.19
C GLY A 288 1.25 4.65 22.06
N LEU A 289 1.32 5.44 23.13
CA LEU A 289 2.47 5.47 24.02
C LEU A 289 2.16 4.72 25.31
N PHE A 290 3.11 3.90 25.75
CA PHE A 290 3.07 3.32 27.09
C PHE A 290 4.06 4.08 27.97
N LEU A 291 3.59 4.54 29.13
CA LEU A 291 4.34 5.43 30.00
C LEU A 291 4.83 4.65 31.21
N GLU A 292 6.15 4.60 31.39
CA GLU A 292 6.78 3.94 32.52
C GLU A 292 8.07 4.70 32.86
N ALA A 293 7.91 5.91 33.38
CA ALA A 293 9.01 6.77 33.80
C ALA A 293 8.89 7.03 35.30
N PRO A 294 9.43 6.15 36.14
CA PRO A 294 9.23 6.31 37.60
C PRO A 294 9.95 7.50 38.20
N GLN A 295 11.01 8.00 37.57
CA GLN A 295 11.75 9.12 38.15
C GLN A 295 11.27 10.48 37.65
N GLY A 296 10.34 10.51 36.70
CA GLY A 296 9.85 11.77 36.18
C GLY A 296 10.80 12.50 35.27
N ASN A 297 11.69 11.76 34.60
CA ASN A 297 12.67 12.39 33.69
C ASN A 297 12.35 12.05 32.25
N ALA A 298 11.09 12.25 31.84
CA ALA A 298 10.66 12.04 30.47
C ALA A 298 9.66 13.12 30.10
N SER A 299 9.70 13.55 28.83
CA SER A 299 8.89 14.65 28.36
C SER A 299 8.19 14.30 27.07
N ILE A 300 6.87 14.52 27.02
CA ILE A 300 6.08 14.40 25.80
C ILE A 300 5.43 15.75 25.55
N SER A 301 5.75 16.38 24.43
CA SER A 301 5.34 17.76 24.21
C SER A 301 5.04 18.02 22.75
N ASN A 302 4.14 18.97 22.51
CA ASN A 302 3.90 19.56 21.19
C ASN A 302 3.46 18.52 20.17
N SER A 303 2.86 17.43 20.63
CA SER A 303 2.49 16.33 19.76
C SER A 303 0.97 16.18 19.69
N ILE A 304 0.52 15.49 18.65
CA ILE A 304 -0.88 15.12 18.48
C ILE A 304 -1.02 13.66 18.85
N LEU A 305 -1.70 13.39 19.96
CA LEU A 305 -1.78 12.04 20.48
C LEU A 305 -3.23 11.57 20.58
N VAL A 306 -3.97 11.66 19.48
CA VAL A 306 -5.37 11.27 19.43
C VAL A 306 -5.60 10.38 18.22
N GLY A 307 -6.82 9.87 18.11
CA GLY A 307 -7.21 9.07 16.97
C GLY A 307 -6.77 7.63 17.01
N ASN A 308 -6.23 7.15 18.12
CA ASN A 308 -5.80 5.76 18.26
C ASN A 308 -6.78 5.01 19.16
N THR A 309 -6.85 3.70 18.97
CA THR A 309 -7.71 2.87 19.82
C THR A 309 -7.32 3.01 21.28
N ILE A 310 -6.01 3.04 21.56
CA ILE A 310 -5.48 3.37 22.87
C ILE A 310 -4.41 4.43 22.65
N ASN A 311 -4.73 5.68 22.99
CA ASN A 311 -3.78 6.77 22.78
C ASN A 311 -2.59 6.64 23.72
N CYS A 312 -2.85 6.40 25.00
CA CYS A 312 -1.79 6.26 25.98
C CYS A 312 -2.23 5.31 27.08
N GLN A 313 -1.25 4.63 27.67
CA GLN A 313 -1.45 3.77 28.82
C GLN A 313 -0.22 3.89 29.72
N ALA A 314 -0.43 3.80 31.02
CA ALA A 314 0.61 4.15 31.98
C ALA A 314 0.69 3.11 33.09
N ASN A 315 1.91 2.94 33.60
CA ASN A 315 2.16 2.14 34.79
C ASN A 315 1.79 2.95 36.03
N SER A 316 1.41 2.25 37.10
CA SER A 316 0.86 2.91 38.28
C SER A 316 1.85 3.85 38.96
N THR A 317 3.14 3.75 38.65
CA THR A 317 4.18 4.58 39.24
C THR A 317 4.87 5.42 38.18
N ASP A 318 4.12 5.88 37.18
CA ASP A 318 4.67 6.71 36.12
C ASP A 318 4.48 8.18 36.43
N LYS A 319 5.52 8.98 36.22
CA LYS A 319 5.46 10.42 36.43
C LYS A 319 5.97 11.18 35.21
N ALA A 320 5.76 10.63 34.01
CA ALA A 320 6.16 11.32 32.79
C ALA A 320 5.41 12.64 32.65
N ILE A 321 6.08 13.62 32.08
CA ILE A 321 5.56 14.97 31.95
C ILE A 321 4.97 15.14 30.56
N ILE A 322 3.67 15.43 30.49
CA ILE A 322 2.95 15.63 29.24
C ILE A 322 2.50 17.08 29.20
N GLN A 323 3.06 17.86 28.28
CA GLN A 323 2.81 19.29 28.21
C GLN A 323 2.55 19.72 26.77
N SER A 324 1.60 20.63 26.61
CA SER A 324 1.37 21.32 25.34
C SER A 324 1.08 20.35 24.19
N ASN A 325 0.24 19.36 24.46
CA ASN A 325 -0.14 18.38 23.46
C ASN A 325 -1.64 18.43 23.20
N LEU A 326 -2.04 17.92 22.03
CA LEU A 326 -3.44 17.73 21.70
C LEU A 326 -3.81 16.30 22.07
N VAL A 327 -4.37 16.12 23.26
CA VAL A 327 -4.61 14.79 23.82
C VAL A 327 -6.07 14.65 24.20
N THR A 328 -6.47 13.39 24.41
CA THR A 328 -7.77 13.10 25.01
C THR A 328 -7.64 13.25 26.53
N THR A 329 -8.68 12.85 27.27
CA THR A 329 -8.65 13.03 28.72
C THR A 329 -7.63 12.11 29.38
N GLU A 330 -7.49 10.89 28.86
CA GLU A 330 -6.66 9.90 29.52
C GLU A 330 -5.16 10.18 29.38
N CYS A 331 -4.76 11.11 28.51
CA CYS A 331 -3.36 11.46 28.33
C CYS A 331 -3.03 12.83 28.87
N ASN A 332 -3.98 13.49 29.53
CA ASN A 332 -3.74 14.79 30.14
C ASN A 332 -3.31 14.58 31.59
N ARG A 333 -2.01 14.33 31.78
CA ARG A 333 -1.58 14.24 33.17
C ARG A 333 -1.35 15.60 33.80
N ASN A 334 -1.88 16.63 33.13
CA ASN A 334 -1.95 17.99 33.63
C ASN A 334 -0.57 18.63 33.68
N ALA A 335 0.35 18.03 34.44
CA ALA A 335 1.74 18.45 34.53
C ALA A 335 1.78 19.88 35.03
N SER A 336 2.37 20.83 34.29
CA SER A 336 2.47 22.20 34.77
C SER A 336 1.20 22.97 34.47
N VAL A 337 0.95 24.00 35.27
CA VAL A 337 -0.16 24.92 35.01
C VAL A 337 0.25 26.00 34.01
N LYS A 338 1.54 26.33 33.93
CA LYS A 338 2.00 27.30 32.95
C LYS A 338 2.12 26.69 31.57
N VAL A 339 2.33 25.38 31.47
CA VAL A 339 2.38 24.71 30.18
C VAL A 339 1.33 23.60 30.17
N PRO A 340 0.07 23.91 29.87
CA PRO A 340 -0.97 22.89 29.88
C PRO A 340 -1.13 22.23 28.50
N ASN A 341 -1.95 21.20 28.48
CA ASN A 341 -2.30 20.49 27.26
C ASN A 341 -3.62 21.00 26.69
N ILE A 342 -3.82 20.74 25.40
CA ILE A 342 -5.03 21.12 24.70
C ILE A 342 -5.89 19.87 24.57
N LEU A 343 -7.01 19.84 25.28
CA LEU A 343 -7.89 18.67 25.24
C LEU A 343 -8.65 18.60 23.92
N TYR A 344 -8.75 17.39 23.38
CA TYR A 344 -9.45 17.18 22.11
C TYR A 344 -10.95 17.24 22.33
N PRO A 345 -11.68 18.10 21.62
CA PRO A 345 -13.13 18.18 21.81
C PRO A 345 -13.83 16.93 21.30
N ALA A 346 -14.83 16.48 22.05
CA ALA A 346 -15.58 15.30 21.65
C ALA A 346 -16.32 15.57 20.35
N ASN A 347 -16.35 14.55 19.48
CA ASN A 347 -17.00 14.61 18.17
C ASN A 347 -16.36 15.64 17.25
N GLN A 348 -15.06 15.89 17.42
CA GLN A 348 -14.31 16.76 16.53
C GLN A 348 -13.68 15.91 15.42
N LYS A 349 -13.98 16.26 14.17
CA LYS A 349 -13.45 15.51 13.04
C LYS A 349 -11.93 15.69 12.95
N LEU A 350 -11.22 14.58 12.80
CA LEU A 350 -9.75 14.61 12.77
C LEU A 350 -9.21 14.75 11.35
N ILE A 351 -9.67 13.91 10.42
CA ILE A 351 -9.19 13.90 9.05
C ILE A 351 -10.26 14.52 8.15
N ALA A 352 -9.83 15.39 7.25
CA ALA A 352 -10.74 16.07 6.32
C ALA A 352 -10.85 15.26 5.02
N GLY A 353 -11.43 14.09 5.16
CA GLY A 353 -11.62 13.21 4.01
C GLY A 353 -12.34 11.95 4.43
N SER A 354 -12.60 11.11 3.43
CA SER A 354 -13.25 9.82 3.66
C SER A 354 -12.26 8.70 3.98
N THR A 355 -10.96 8.95 3.86
CA THR A 355 -9.93 7.98 4.20
C THR A 355 -8.79 8.70 4.91
N ASP A 356 -7.95 7.91 5.58
CA ASP A 356 -6.79 8.48 6.25
C ASP A 356 -5.70 8.88 5.27
N GLU A 357 -5.78 8.41 4.02
CA GLU A 357 -4.79 8.69 3.00
C GLU A 357 -5.50 8.90 1.67
N GLY A 358 -5.23 10.02 1.03
CA GLY A 358 -5.79 10.34 -0.25
C GLY A 358 -6.03 11.83 -0.36
N VAL A 359 -6.98 12.17 -1.21
CA VAL A 359 -7.27 13.58 -1.49
C VAL A 359 -7.92 14.24 -0.27
N CYS A 360 -7.69 15.53 -0.13
CA CYS A 360 -8.18 16.32 0.98
C CYS A 360 -9.40 17.12 0.56
N ASP A 361 -10.46 17.04 1.36
CA ASP A 361 -11.65 17.85 1.13
C ASP A 361 -11.33 19.30 1.53
N VAL A 362 -10.75 20.06 0.60
CA VAL A 362 -10.28 21.41 0.91
C VAL A 362 -11.41 22.38 1.21
N ALA A 363 -12.65 21.99 0.98
CA ALA A 363 -13.80 22.82 1.32
C ALA A 363 -14.42 22.47 2.66
N SER A 364 -13.94 21.42 3.32
CA SER A 364 -14.50 20.99 4.59
C SER A 364 -14.23 22.03 5.66
N LYS A 365 -15.30 22.59 6.24
CA LYS A 365 -15.15 23.57 7.30
C LYS A 365 -14.60 22.95 8.58
N ASP A 366 -14.74 21.65 8.76
CA ASP A 366 -14.22 20.93 9.91
C ASP A 366 -13.22 19.87 9.46
N GLY A 367 -12.50 19.32 10.43
CA GLY A 367 -11.44 18.38 10.12
C GLY A 367 -10.08 19.01 10.28
N LEU A 368 -9.36 18.63 11.36
CA LEU A 368 -8.11 19.31 11.69
C LEU A 368 -7.04 19.05 10.64
N LEU A 369 -6.94 17.82 10.15
CA LEU A 369 -5.85 17.40 9.28
C LEU A 369 -6.39 16.97 7.92
N CYS A 370 -5.59 17.21 6.89
CA CYS A 370 -5.83 16.60 5.60
C CYS A 370 -5.43 15.13 5.66
N PRO A 371 -5.98 14.30 4.78
CA PRO A 371 -5.51 12.91 4.68
C PRO A 371 -4.03 12.86 4.32
N PHE A 372 -3.40 11.74 4.68
CA PHE A 372 -1.99 11.56 4.41
C PHE A 372 -1.71 11.65 2.91
N ASN A 373 -0.68 12.39 2.55
CA ASN A 373 -0.33 12.57 1.14
C ASN A 373 1.14 12.93 1.03
N THR A 374 1.80 12.36 0.02
CA THR A 374 3.22 12.62 -0.21
C THR A 374 3.36 13.68 -1.28
N PRO A 375 3.89 14.85 -0.97
CA PRO A 375 4.07 15.88 -2.00
C PRO A 375 5.16 15.48 -3.00
N LYS A 376 5.04 16.00 -4.21
CA LYS A 376 5.98 15.66 -5.27
C LYS A 376 7.39 16.18 -4.98
N ASP A 377 7.51 17.27 -4.24
CA ASP A 377 8.81 17.86 -3.94
C ASP A 377 9.49 17.20 -2.75
N SER A 378 8.86 16.20 -2.12
CA SER A 378 9.39 15.61 -0.90
C SER A 378 9.41 14.09 -1.01
N PHE A 379 10.16 13.49 -0.10
CA PHE A 379 10.30 12.03 -0.02
C PHE A 379 9.32 11.41 0.95
N LEU A 380 8.91 12.15 1.99
CA LEU A 380 8.03 11.63 3.03
C LEU A 380 6.74 12.44 3.05
N GLY A 381 5.60 11.75 3.12
CA GLY A 381 4.31 12.40 3.25
C GLY A 381 3.99 12.75 4.69
N PHE A 382 2.80 13.32 4.89
CA PHE A 382 2.40 13.82 6.19
C PHE A 382 0.92 14.14 6.18
N PHE A 383 0.37 14.37 7.37
CA PHE A 383 -0.98 14.89 7.53
C PHE A 383 -0.88 16.42 7.61
N LYS A 384 -1.34 17.10 6.58
CA LYS A 384 -1.20 18.55 6.53
C LYS A 384 -2.20 19.21 7.49
N PRO A 385 -1.75 20.15 8.33
CA PRO A 385 -2.69 20.88 9.16
C PRO A 385 -3.57 21.81 8.34
N ARG A 386 -4.76 22.07 8.85
CA ARG A 386 -5.72 22.94 8.19
C ARG A 386 -6.14 24.04 9.15
N LEU A 387 -6.40 25.23 8.59
CA LEU A 387 -6.80 26.40 9.37
C LEU A 387 -8.33 26.45 9.38
N LEU A 388 -8.93 26.04 10.50
CA LEU A 388 -10.37 26.07 10.66
C LEU A 388 -10.87 27.32 11.38
N GLU A 389 -10.00 28.04 12.08
CA GLU A 389 -10.38 29.22 12.83
C GLU A 389 -10.09 30.48 12.02
N SER A 390 -10.73 31.57 12.43
CA SER A 390 -10.45 32.87 11.85
C SER A 390 -9.24 33.50 12.53
N TYR A 391 -8.76 34.60 11.97
CA TYR A 391 -7.66 35.33 12.59
C TYR A 391 -8.07 35.86 13.96
N ASN A 392 -9.31 36.34 14.10
CA ASN A 392 -9.81 36.77 15.39
C ASN A 392 -9.96 35.63 16.38
N THR A 393 -10.10 34.39 15.89
CA THR A 393 -10.33 33.23 16.75
C THR A 393 -9.20 32.21 16.65
N LEU A 394 -8.00 32.64 16.24
CA LEU A 394 -6.89 31.69 16.08
C LEU A 394 -6.49 31.07 17.42
N ALA A 395 -6.72 31.79 18.52
CA ALA A 395 -6.40 31.23 19.84
C ALA A 395 -7.21 29.99 20.17
N ASP A 396 -8.34 29.77 19.48
CA ASP A 396 -9.16 28.59 19.69
C ASP A 396 -8.77 27.44 18.77
N SER A 397 -7.73 27.61 17.94
CA SER A 397 -7.26 26.52 17.11
C SER A 397 -6.63 25.43 17.96
N LEU A 398 -6.81 24.18 17.55
CA LEU A 398 -6.31 23.05 18.31
C LEU A 398 -4.86 22.68 17.96
N ILE A 399 -4.28 23.30 16.92
CA ILE A 399 -2.97 22.90 16.43
C ILE A 399 -2.10 24.13 16.18
N ILE A 400 -2.62 25.09 15.44
CA ILE A 400 -1.79 26.17 14.89
C ILE A 400 -1.47 27.18 15.98
N ASN A 401 -0.18 27.56 16.05
CA ASN A 401 0.30 28.58 16.98
C ASN A 401 -0.01 28.24 18.43
N LYS A 402 0.11 26.95 18.78
CA LYS A 402 -0.11 26.50 20.14
C LYS A 402 1.18 26.12 20.86
N GLY A 403 2.31 26.05 20.15
CA GLY A 403 3.59 25.80 20.79
C GLY A 403 4.45 27.04 20.81
N ARG A 404 5.46 27.06 21.68
CA ARG A 404 6.32 28.23 21.81
C ARG A 404 7.66 27.80 22.40
N LEU A 405 8.72 28.52 22.03
CA LEU A 405 10.04 28.30 22.60
C LEU A 405 10.09 28.87 24.01
N TYR A 406 10.63 28.09 24.94
CA TYR A 406 10.70 28.50 26.34
C TYR A 406 12.10 28.83 26.80
N SER A 407 13.06 27.92 26.62
CA SER A 407 14.44 28.10 27.05
C SER A 407 14.48 28.49 28.54
N ASP A 408 13.96 27.58 29.37
CA ASP A 408 13.78 27.82 30.79
C ASP A 408 14.66 26.94 31.69
N GLY A 409 15.05 25.75 31.23
CA GLY A 409 15.95 24.89 31.98
C GLY A 409 15.28 23.94 32.94
N THR A 410 14.04 24.20 33.34
CA THR A 410 13.31 23.31 34.23
C THR A 410 12.33 22.45 33.43
N SER A 411 11.16 22.17 34.00
CA SER A 411 10.17 21.37 33.29
C SER A 411 9.58 22.13 32.11
N VAL A 412 9.61 23.46 32.15
CA VAL A 412 9.05 24.26 31.06
C VAL A 412 9.88 24.10 29.80
N GLY A 413 11.21 24.09 29.93
CA GLY A 413 12.08 23.94 28.77
C GLY A 413 11.89 22.62 28.06
N LEU A 414 11.41 21.60 28.78
CA LEU A 414 11.11 20.31 28.16
C LEU A 414 9.96 20.40 27.17
N ALA A 415 9.12 21.43 27.27
CA ALA A 415 8.00 21.63 26.37
C ALA A 415 8.34 22.61 25.24
N SER A 416 9.61 22.89 25.02
CA SER A 416 10.01 23.84 24.00
C SER A 416 9.83 23.24 22.60
N CYS A 417 9.54 24.11 21.64
CA CYS A 417 9.32 23.68 20.27
C CYS A 417 10.57 23.05 19.68
N GLU A 418 10.37 22.19 18.68
CA GLU A 418 11.47 21.76 17.84
C GLU A 418 11.87 22.90 16.92
N THR A 419 13.17 22.97 16.62
CA THR A 419 13.65 24.02 15.74
C THR A 419 13.17 23.81 14.30
N LEU A 420 13.08 22.56 13.86
CA LEU A 420 12.64 22.20 12.53
C LEU A 420 11.39 21.33 12.63
N ASP A 421 10.81 21.01 11.48
CA ASP A 421 9.69 20.09 11.38
C ASP A 421 10.10 18.87 10.55
N GLN A 422 9.12 18.07 10.15
CA GLN A 422 9.40 16.84 9.42
C GLN A 422 10.02 17.14 8.06
N ARG A 423 9.63 18.23 7.42
CA ARG A 423 10.17 18.58 6.11
C ARG A 423 11.46 19.38 6.19
N GLY A 424 11.99 19.61 7.39
CA GLY A 424 13.18 20.43 7.55
C GLY A 424 12.94 21.92 7.61
N LYS A 425 11.69 22.36 7.55
CA LYS A 425 11.37 23.77 7.61
C LYS A 425 11.54 24.30 9.03
N ARG A 426 11.94 25.57 9.14
CA ARG A 426 12.17 26.20 10.43
C ARG A 426 10.83 26.62 11.04
N ARG A 427 10.53 26.09 12.21
CA ARG A 427 9.24 26.37 12.85
C ARG A 427 9.20 27.79 13.42
N THR A 428 10.30 28.24 14.03
CA THR A 428 10.36 29.54 14.70
C THR A 428 11.39 30.45 14.06
N GLY A 429 11.67 30.25 12.77
CA GLY A 429 12.63 31.12 12.11
C GLY A 429 12.06 32.50 11.84
N TYR A 430 10.84 32.55 11.30
CA TYR A 430 10.21 33.81 10.91
C TYR A 430 9.11 34.23 11.88
N ASP A 431 8.86 33.44 12.92
CA ASP A 431 7.88 33.76 13.95
C ASP A 431 8.40 33.23 15.28
N GLU A 432 7.59 33.39 16.33
CA GLU A 432 7.99 32.99 17.67
C GLU A 432 7.20 31.80 18.20
N LEU A 433 6.33 31.20 17.39
CA LEU A 433 5.49 30.08 17.81
C LEU A 433 5.69 28.90 16.87
N CYS A 434 5.18 27.75 17.29
CA CYS A 434 5.19 26.55 16.47
C CYS A 434 3.83 25.87 16.55
N ASP A 435 3.60 24.95 15.62
CA ASP A 435 2.32 24.27 15.50
C ASP A 435 2.48 22.82 15.97
N LEU A 436 1.45 22.32 16.66
CA LEU A 436 1.48 20.96 17.18
C LEU A 436 1.53 19.96 16.03
N GLY A 437 2.19 18.84 16.29
CA GLY A 437 2.34 17.80 15.28
C GLY A 437 3.71 17.86 14.62
N ALA A 438 3.83 17.06 13.55
CA ALA A 438 5.09 16.91 12.84
C ALA A 438 5.29 17.93 11.73
N ILE A 439 4.29 18.74 11.41
CA ILE A 439 4.34 19.65 10.28
C ILE A 439 3.98 21.05 10.73
N GLU A 440 4.80 22.02 10.36
CA GLU A 440 4.50 23.43 10.60
C GLU A 440 3.57 23.94 9.51
N TYR A 441 2.47 24.57 9.92
CA TYR A 441 1.48 25.05 8.96
C TYR A 441 2.10 26.14 8.08
N ILE A 442 2.21 25.84 6.78
CA ILE A 442 2.78 26.78 5.82
C ILE A 442 1.75 27.28 4.82
N GLY A 443 0.58 26.65 4.74
CA GLY A 443 -0.46 27.06 3.82
C GLY A 443 -1.61 26.07 3.75
N LYS B 1 27.49 15.15 23.40
CA LYS B 1 27.42 15.74 24.74
C LYS B 1 26.91 14.74 25.76
N LEU B 2 26.74 13.49 25.33
CA LEU B 2 26.03 12.49 26.12
C LEU B 2 26.66 11.10 25.96
N PHE B 3 26.69 10.59 24.74
CA PHE B 3 27.23 9.26 24.45
C PHE B 3 28.61 9.29 23.81
N GLY B 4 29.22 10.46 23.65
CA GLY B 4 30.55 10.55 23.09
C GLY B 4 30.57 11.13 21.70
N PRO B 5 31.75 11.57 21.24
CA PRO B 5 31.86 12.19 19.93
C PRO B 5 31.56 11.20 18.81
N ASP B 6 31.10 11.76 17.67
CA ASP B 6 30.70 10.95 16.53
C ASP B 6 30.66 11.83 15.30
N PRO B 7 31.05 11.33 14.12
CA PRO B 7 30.98 12.18 12.92
C PRO B 7 29.57 12.42 12.42
N TYR B 8 28.62 11.52 12.71
CA TYR B 8 27.29 11.60 12.12
C TYR B 8 26.16 11.81 13.11
N LEU B 9 26.37 11.54 14.41
CA LEU B 9 25.34 11.75 15.39
C LEU B 9 25.17 13.24 15.69
N PRO B 10 23.97 13.67 16.07
CA PRO B 10 23.77 15.08 16.41
C PRO B 10 24.56 15.50 17.64
N GLU B 11 24.70 16.82 17.80
CA GLU B 11 25.50 17.36 18.89
C GLU B 11 24.92 16.98 20.26
N ASN B 12 23.61 17.12 20.42
CA ASN B 12 23.00 16.79 21.71
C ASN B 12 23.17 15.32 22.07
N VAL B 13 23.27 14.45 21.06
CA VAL B 13 23.57 13.05 21.33
C VAL B 13 25.04 12.86 21.68
N GLN B 14 25.92 13.58 20.99
CA GLN B 14 27.35 13.50 21.25
C GLN B 14 27.71 14.08 22.60
N GLY C 2 5.44 -13.96 -37.47
CA GLY C 2 4.65 -13.45 -36.35
C GLY C 2 3.68 -12.35 -36.76
N ALA C 3 4.23 -11.29 -37.36
CA ALA C 3 3.43 -10.16 -37.86
C ALA C 3 2.63 -9.49 -36.76
N ASP C 4 3.14 -9.51 -35.52
CA ASP C 4 2.51 -8.83 -34.40
C ASP C 4 3.21 -7.49 -34.16
N ILE C 5 2.41 -6.46 -33.93
CA ILE C 5 2.94 -5.11 -33.75
C ILE C 5 3.67 -5.04 -32.42
N GLU C 6 4.96 -4.70 -32.47
CA GLU C 6 5.80 -4.58 -31.29
C GLU C 6 6.09 -3.11 -31.02
N VAL C 7 5.80 -2.67 -29.80
CA VAL C 7 6.10 -1.30 -29.39
C VAL C 7 7.54 -1.22 -28.91
N THR C 8 8.27 -0.21 -29.36
CA THR C 8 9.69 -0.08 -29.08
C THR C 8 10.06 1.16 -28.28
N THR C 9 9.07 1.85 -27.68
CA THR C 9 9.38 2.95 -26.78
C THR C 9 8.34 2.99 -25.67
N THR C 10 8.75 3.51 -24.52
CA THR C 10 7.88 3.64 -23.36
C THR C 10 7.25 5.03 -23.25
N ILE C 11 7.47 5.91 -24.22
CA ILE C 11 6.94 7.25 -24.20
C ILE C 11 5.76 7.33 -25.18
N ASP C 12 4.97 8.39 -25.03
CA ASP C 12 3.81 8.63 -25.87
C ASP C 12 4.20 9.65 -26.93
N GLU C 13 4.25 9.22 -28.18
CA GLU C 13 4.63 10.10 -29.28
C GLU C 13 3.87 9.66 -30.54
N ASP C 14 3.72 10.62 -31.46
CA ASP C 14 3.18 10.36 -32.79
C ASP C 14 4.10 10.98 -33.84
N VAL C 15 5.39 10.62 -33.76
CA VAL C 15 6.43 11.18 -34.60
C VAL C 15 6.85 10.12 -35.61
N ASP C 16 6.95 10.51 -36.87
CA ASP C 16 7.42 9.60 -37.90
C ASP C 16 8.92 9.40 -37.76
N ASN C 17 9.33 8.38 -37.01
CA ASN C 17 10.75 8.07 -36.82
C ASN C 17 11.00 6.57 -36.92
N THR C 18 12.05 6.10 -36.26
CA THR C 18 12.43 4.70 -36.29
C THR C 18 11.93 3.92 -35.09
N VAL C 19 11.07 4.51 -34.26
CA VAL C 19 10.61 3.88 -33.03
C VAL C 19 9.09 3.83 -33.04
N CYS C 20 8.55 2.75 -32.44
CA CYS C 20 7.12 2.52 -32.40
C CYS C 20 6.60 2.74 -30.98
N SER C 21 5.55 3.55 -30.87
CA SER C 21 4.89 3.83 -29.60
C SER C 21 3.54 3.13 -29.56
N LEU C 22 2.93 3.13 -28.37
CA LEU C 22 1.63 2.48 -28.21
C LEU C 22 0.54 3.25 -28.94
N ARG C 23 0.62 4.58 -28.95
CA ARG C 23 -0.38 5.38 -29.65
C ARG C 23 -0.27 5.16 -31.17
N GLU C 24 0.95 5.19 -31.70
CA GLU C 24 1.14 4.92 -33.12
C GLU C 24 0.75 3.50 -33.48
N ALA C 25 0.90 2.56 -32.53
CA ALA C 25 0.46 1.20 -32.77
C ALA C 25 -1.05 1.14 -33.01
N VAL C 26 -1.82 1.73 -32.10
CA VAL C 26 -3.28 1.73 -32.25
C VAL C 26 -3.70 2.43 -33.53
N GLU C 27 -3.03 3.55 -33.85
CA GLU C 27 -3.38 4.29 -35.05
C GLU C 27 -3.10 3.49 -36.32
N LEU C 28 -2.12 2.58 -36.26
CA LEU C 28 -1.85 1.71 -37.40
C LEU C 28 -3.04 0.80 -37.69
N ILE C 29 -3.53 0.09 -36.67
CA ILE C 29 -4.67 -0.80 -36.85
C ILE C 29 -5.94 0.00 -37.11
N ASN C 30 -6.05 1.20 -36.54
CA ASN C 30 -7.23 2.04 -36.78
C ASN C 30 -7.32 2.45 -38.24
N LYS C 31 -6.23 2.98 -38.79
CA LYS C 31 -6.24 3.41 -40.18
C LYS C 31 -6.29 2.25 -41.16
N ARG C 32 -5.89 1.05 -40.73
CA ARG C 32 -5.97 -0.12 -41.61
C ARG C 32 -7.42 -0.53 -41.84
N ASN C 33 -8.26 -0.43 -40.82
CA ASN C 33 -9.66 -0.84 -40.90
C ASN C 33 -10.58 0.29 -41.34
N SER C 34 -10.04 1.34 -41.94
CA SER C 34 -10.85 2.47 -42.36
C SER C 34 -11.46 2.22 -43.73
N SER C 35 -12.66 2.75 -43.94
CA SER C 35 -13.28 2.66 -45.25
C SER C 35 -12.62 3.60 -46.25
N ASP C 36 -12.03 4.68 -45.76
CA ASP C 36 -11.23 5.58 -46.59
C ASP C 36 -10.07 4.82 -47.22
N SER C 37 -9.94 4.92 -48.54
CA SER C 37 -8.90 4.16 -49.23
C SER C 37 -7.54 4.84 -49.16
N THR C 38 -7.50 6.18 -49.09
CA THR C 38 -6.23 6.89 -49.10
C THR C 38 -5.52 6.85 -47.75
N VAL C 39 -6.15 6.31 -46.70
CA VAL C 39 -5.49 6.18 -45.42
C VAL C 39 -5.04 4.74 -45.20
N VAL C 40 -5.74 3.78 -45.82
CA VAL C 40 -5.25 2.40 -45.73
C VAL C 40 -3.99 2.23 -46.57
N ALA C 41 -3.85 3.04 -47.63
CA ALA C 41 -2.62 3.01 -48.42
C ALA C 41 -1.49 3.77 -47.74
N SER C 42 -1.83 4.74 -46.89
CA SER C 42 -0.80 5.49 -46.17
C SER C 42 -0.17 4.69 -45.05
N VAL C 43 -0.74 3.54 -44.68
CA VAL C 43 -0.19 2.67 -43.66
C VAL C 43 0.19 1.31 -44.24
N LYS C 44 0.45 1.24 -45.55
CA LYS C 44 0.85 -0.02 -46.17
C LYS C 44 2.20 -0.49 -45.65
N ASP C 45 3.12 0.44 -45.39
CA ASP C 45 4.45 0.10 -44.90
C ASP C 45 4.62 0.37 -43.42
N GLY C 46 3.53 0.59 -42.70
CA GLY C 46 3.57 0.94 -41.29
C GLY C 46 3.06 2.34 -41.05
N TYR C 47 3.25 2.80 -39.82
CA TYR C 47 2.82 4.14 -39.43
C TYR C 47 3.78 4.68 -38.39
N HIS C 48 4.60 5.66 -38.78
CA HIS C 48 5.50 6.38 -37.90
C HIS C 48 6.46 5.47 -37.14
N GLY C 49 6.68 4.25 -37.63
CA GLY C 49 7.64 3.34 -37.03
C GLY C 49 7.06 2.06 -36.49
N CYS C 50 5.77 1.81 -36.70
CA CYS C 50 5.10 0.63 -36.20
C CYS C 50 4.73 -0.29 -37.35
N GLY C 51 5.11 -1.57 -37.24
CA GLY C 51 4.70 -2.60 -38.17
C GLY C 51 5.17 -2.39 -39.59
N ASN C 52 4.81 -3.33 -40.47
CA ASN C 52 5.17 -3.26 -41.88
C ASN C 52 4.38 -4.28 -42.70
N LYS C 53 3.72 -3.82 -43.76
CA LYS C 53 2.94 -4.66 -44.65
C LYS C 53 1.90 -5.49 -43.89
N ASP C 54 2.01 -6.81 -43.98
CA ASP C 54 1.07 -7.68 -43.29
C ASP C 54 1.32 -7.66 -41.79
N ALA C 55 0.25 -7.51 -41.01
CA ALA C 55 0.32 -7.53 -39.56
C ALA C 55 -0.80 -8.42 -39.04
N SER C 56 -1.08 -8.32 -37.73
CA SER C 56 -2.07 -9.19 -37.12
C SER C 56 -2.98 -8.47 -36.13
N SER C 57 -2.89 -7.14 -36.01
CA SER C 57 -3.70 -6.35 -35.09
C SER C 57 -3.53 -6.81 -33.65
N ASN C 58 -2.33 -7.27 -33.30
CA ASN C 58 -1.99 -7.69 -31.94
C ASN C 58 -0.82 -6.83 -31.45
N ILE C 59 -1.12 -5.86 -30.61
CA ILE C 59 -0.08 -5.00 -30.04
C ILE C 59 0.56 -5.71 -28.85
N ILE C 60 1.89 -5.80 -28.88
CA ILE C 60 2.65 -6.52 -27.87
C ILE C 60 3.53 -5.53 -27.13
N LEU C 61 3.49 -5.57 -25.80
CA LEU C 61 4.38 -4.80 -24.94
C LEU C 61 5.34 -5.75 -24.23
N GLN C 62 6.55 -5.25 -23.98
CA GLN C 62 7.57 -6.06 -23.34
C GLN C 62 7.31 -6.15 -21.83
N ARG C 63 7.81 -7.22 -21.23
CA ARG C 63 7.57 -7.47 -19.81
C ARG C 63 8.41 -6.52 -18.96
N ASP C 64 7.90 -6.25 -17.75
CA ASP C 64 8.58 -5.42 -16.76
C ASP C 64 8.88 -4.02 -17.30
N LYS C 65 8.08 -3.55 -18.25
CA LYS C 65 8.26 -2.24 -18.84
C LYS C 65 7.05 -1.37 -18.54
N GLU C 66 7.30 -0.06 -18.45
CA GLU C 66 6.30 0.91 -18.02
C GLU C 66 6.08 1.91 -19.14
N TYR C 67 4.93 1.81 -19.80
CA TYR C 67 4.60 2.64 -20.96
C TYR C 67 3.72 3.79 -20.52
N THR C 68 4.18 5.02 -20.75
CA THR C 68 3.48 6.21 -20.31
C THR C 68 2.58 6.76 -21.41
N LEU C 69 1.51 7.43 -20.98
CA LEU C 69 0.59 8.11 -21.89
C LEU C 69 0.33 9.51 -21.36
N ASN C 70 0.39 10.50 -22.25
CA ASN C 70 0.07 11.87 -21.89
C ASN C 70 -1.39 12.21 -22.07
N SER C 71 -2.10 11.47 -22.94
CA SER C 71 -3.54 11.62 -23.12
C SER C 71 -4.09 10.27 -23.52
N ARG C 72 -5.41 10.22 -23.74
CA ARG C 72 -6.06 8.96 -24.03
C ARG C 72 -5.70 8.46 -25.43
N ILE C 73 -6.10 7.22 -25.71
CA ILE C 73 -5.93 6.61 -27.03
C ILE C 73 -7.30 6.12 -27.47
N THR C 74 -7.71 6.51 -28.68
CA THR C 74 -9.01 6.13 -29.22
C THR C 74 -8.84 4.87 -30.07
N ILE C 75 -9.56 3.82 -29.70
CA ILE C 75 -9.52 2.54 -30.41
C ILE C 75 -10.81 2.45 -31.24
N THR C 76 -10.65 2.41 -32.56
CA THR C 76 -11.79 2.34 -33.47
C THR C 76 -11.82 1.04 -34.27
N ALA C 77 -10.94 0.10 -33.97
CA ALA C 77 -10.84 -1.16 -34.69
C ALA C 77 -10.55 -2.28 -33.72
N PRO C 78 -10.92 -3.51 -34.04
CA PRO C 78 -10.62 -4.64 -33.15
C PRO C 78 -9.12 -4.90 -33.07
N LEU C 79 -8.62 -4.98 -31.84
CA LEU C 79 -7.20 -5.24 -31.60
C LEU C 79 -7.05 -5.86 -30.22
N THR C 80 -5.84 -6.33 -29.93
CA THR C 80 -5.50 -6.89 -28.63
C THR C 80 -4.18 -6.28 -28.15
N ILE C 81 -4.14 -5.87 -26.90
CA ILE C 81 -2.93 -5.38 -26.25
C ILE C 81 -2.57 -6.34 -25.14
N SER C 82 -1.34 -6.86 -25.16
CA SER C 82 -0.93 -7.87 -24.20
C SER C 82 0.56 -7.76 -23.94
N THR C 83 0.98 -8.29 -22.80
CA THR C 83 2.39 -8.38 -22.47
C THR C 83 3.01 -9.57 -23.18
N ALA C 84 4.22 -9.38 -23.69
CA ALA C 84 4.90 -10.42 -24.45
C ALA C 84 5.12 -11.67 -23.58
N LYS C 85 4.99 -12.83 -24.21
CA LYS C 85 5.17 -14.09 -23.52
C LYS C 85 6.66 -14.43 -23.40
N ASN C 86 6.97 -15.39 -22.53
CA ASN C 86 8.34 -15.77 -22.26
C ASN C 86 9.00 -16.39 -23.49
N ASP C 92 10.20 -19.89 -12.29
CA ASP C 92 8.87 -19.69 -12.86
C ASP C 92 8.61 -18.24 -13.22
N THR C 93 9.69 -17.45 -13.23
CA THR C 93 9.62 -16.00 -13.41
C THR C 93 8.69 -15.37 -12.37
N ASP C 94 8.94 -15.72 -11.11
CA ASP C 94 8.18 -15.23 -9.95
C ASP C 94 6.70 -15.59 -10.07
N GLN C 95 5.86 -14.99 -9.23
CA GLN C 95 4.45 -15.31 -9.22
C GLN C 95 3.76 -14.80 -10.49
N PRO C 96 2.63 -15.39 -10.87
CA PRO C 96 1.92 -14.92 -12.07
C PRO C 96 1.47 -13.48 -11.91
N GLY C 97 1.68 -12.70 -12.97
CA GLY C 97 1.32 -11.29 -12.97
C GLY C 97 2.39 -10.36 -12.46
N SER C 98 3.53 -10.88 -11.99
CA SER C 98 4.61 -10.06 -11.46
C SER C 98 5.52 -9.49 -12.54
N HIS C 99 5.26 -9.80 -13.82
CA HIS C 99 6.08 -9.30 -14.92
C HIS C 99 5.22 -8.62 -15.98
N ASN C 100 3.97 -8.29 -15.66
CA ASN C 100 3.08 -7.67 -16.63
C ASN C 100 3.57 -6.28 -17.01
N ALA C 101 3.27 -5.88 -18.25
CA ALA C 101 3.55 -4.52 -18.69
C ALA C 101 2.61 -3.54 -17.97
N THR C 102 3.04 -2.28 -17.93
CA THR C 102 2.30 -1.25 -17.22
C THR C 102 2.00 -0.10 -18.17
N ILE C 103 0.72 0.25 -18.30
CA ILE C 103 0.28 1.41 -19.06
C ILE C 103 -0.24 2.42 -18.06
N LYS C 104 0.51 3.50 -17.86
CA LYS C 104 0.22 4.49 -16.84
C LYS C 104 -0.17 5.81 -17.50
N MET C 105 -0.68 6.73 -16.69
CA MET C 105 -1.13 8.04 -17.15
C MET C 105 -0.26 9.12 -16.53
N ALA C 106 0.47 9.85 -17.36
CA ALA C 106 1.31 10.96 -16.90
C ALA C 106 0.57 12.28 -16.87
N GLY C 107 -0.65 12.34 -17.40
CA GLY C 107 -1.43 13.56 -17.40
C GLY C 107 -2.66 13.47 -16.51
N THR C 108 -3.77 14.07 -16.96
CA THR C 108 -5.01 14.07 -16.20
C THR C 108 -6.14 13.36 -16.94
N ASP C 109 -5.83 12.62 -18.00
CA ASP C 109 -6.85 12.07 -18.89
C ASP C 109 -6.97 10.56 -18.69
N GLN C 110 -8.00 10.00 -19.30
CA GLN C 110 -8.21 8.55 -19.27
C GLN C 110 -7.19 7.86 -20.16
N LEU C 111 -7.17 6.53 -20.09
CA LEU C 111 -6.22 5.75 -20.86
C LEU C 111 -6.72 5.44 -22.28
N PHE C 112 -7.93 4.92 -22.40
CA PHE C 112 -8.44 4.49 -23.69
C PHE C 112 -9.90 4.91 -23.86
N LYS C 113 -10.31 5.00 -25.12
CA LYS C 113 -11.71 5.13 -25.51
C LYS C 113 -11.95 4.14 -26.64
N ILE C 114 -12.86 3.20 -26.42
CA ILE C 114 -13.12 2.11 -27.37
C ILE C 114 -14.50 2.34 -27.97
N ASP C 115 -14.53 2.75 -29.24
CA ASP C 115 -15.78 3.03 -29.94
C ASP C 115 -15.47 3.17 -31.42
N ASP C 116 -16.36 2.65 -32.27
CA ASP C 116 -16.25 2.84 -33.71
C ASP C 116 -16.62 4.25 -34.15
N GLU C 117 -17.06 5.10 -33.22
CA GLU C 117 -17.34 6.51 -33.48
C GLU C 117 -18.43 6.70 -34.52
N SER C 118 -19.42 5.81 -34.55
CA SER C 118 -20.52 5.89 -35.49
C SER C 118 -21.62 4.94 -35.02
N VAL C 119 -22.73 4.92 -35.75
CA VAL C 119 -23.85 4.04 -35.46
C VAL C 119 -23.90 2.96 -36.53
N GLU C 120 -24.92 2.11 -36.47
CA GLU C 120 -25.16 1.04 -37.42
C GLU C 120 -24.08 -0.03 -37.36
N LYS C 121 -22.81 0.37 -37.46
CA LYS C 121 -21.71 -0.60 -37.44
C LYS C 121 -21.70 -1.35 -36.12
N ALA C 122 -21.75 -2.68 -36.20
CA ALA C 122 -21.76 -3.51 -35.01
C ALA C 122 -20.48 -3.32 -34.20
N SER C 123 -20.58 -3.61 -32.91
CA SER C 123 -19.47 -3.38 -31.99
C SER C 123 -18.40 -4.45 -32.18
N PHE C 124 -17.16 -4.01 -32.39
CA PHE C 124 -16.03 -4.92 -32.51
C PHE C 124 -15.60 -5.39 -31.12
N SER C 125 -14.60 -6.27 -31.08
CA SER C 125 -14.10 -6.84 -29.84
C SER C 125 -12.67 -6.38 -29.58
N VAL C 126 -12.40 -5.99 -28.34
CA VAL C 126 -11.07 -5.58 -27.90
C VAL C 126 -10.70 -6.38 -26.66
N LEU C 127 -9.46 -6.88 -26.64
CA LEU C 127 -8.98 -7.72 -25.55
C LEU C 127 -7.74 -7.09 -24.93
N LEU C 128 -7.72 -6.99 -23.61
CA LEU C 128 -6.57 -6.51 -22.85
C LEU C 128 -6.14 -7.63 -21.90
N SER C 129 -4.91 -8.12 -22.06
CA SER C 129 -4.45 -9.29 -21.34
C SER C 129 -3.10 -9.02 -20.69
N ASP C 130 -3.00 -9.36 -19.40
CA ASP C 130 -1.73 -9.31 -18.66
C ASP C 130 -1.12 -7.91 -18.68
N LEU C 131 -1.91 -6.92 -18.30
CA LEU C 131 -1.47 -5.53 -18.30
C LEU C 131 -1.71 -4.92 -16.92
N ASN C 132 -0.92 -3.90 -16.60
CA ASN C 132 -1.09 -3.12 -15.38
C ASN C 132 -1.57 -1.73 -15.81
N LEU C 133 -2.89 -1.54 -15.80
CA LEU C 133 -3.48 -0.27 -16.19
C LEU C 133 -3.58 0.63 -14.96
N GLN C 134 -2.93 1.79 -15.03
CA GLN C 134 -2.89 2.74 -13.92
C GLN C 134 -3.34 4.11 -14.41
N GLY C 135 -4.27 4.72 -13.69
CA GLY C 135 -4.85 5.99 -14.07
C GLY C 135 -4.18 7.16 -13.38
N ALA C 136 -4.74 8.35 -13.63
CA ALA C 136 -4.20 9.58 -13.06
C ALA C 136 -4.42 9.68 -11.56
N GLY C 137 -5.35 8.91 -11.00
CA GLY C 137 -5.64 8.96 -9.58
C GLY C 137 -6.10 10.31 -9.07
N ALA C 138 -5.34 10.88 -8.14
CA ALA C 138 -5.68 12.18 -7.59
C ALA C 138 -5.57 13.29 -8.63
N ASN C 139 -4.72 13.11 -9.62
CA ASN C 139 -4.55 14.09 -10.69
C ASN C 139 -5.59 13.96 -11.79
N SER C 140 -6.60 13.12 -11.61
CA SER C 140 -7.56 12.85 -12.68
C SER C 140 -8.51 14.02 -12.86
N LYS C 141 -8.64 14.47 -14.10
CA LYS C 141 -9.67 15.42 -14.51
C LYS C 141 -10.73 14.74 -15.38
N VAL C 142 -10.81 13.42 -15.31
CA VAL C 142 -11.73 12.65 -16.15
C VAL C 142 -13.14 12.76 -15.60
N LEU C 143 -14.11 12.86 -16.50
CA LEU C 143 -15.52 12.89 -16.14
C LEU C 143 -16.18 11.51 -16.24
N THR C 144 -15.95 10.80 -17.34
CA THR C 144 -16.57 9.51 -17.58
C THR C 144 -15.50 8.50 -17.98
N GLY C 145 -15.35 7.46 -17.16
CA GLY C 145 -14.37 6.42 -17.44
C GLY C 145 -12.96 6.81 -17.06
N GLY C 146 -12.59 6.60 -15.80
CA GLY C 146 -11.27 7.01 -15.34
C GLY C 146 -10.14 6.28 -16.02
N LEU C 147 -10.38 5.05 -16.46
CA LEU C 147 -9.42 4.29 -17.24
C LEU C 147 -9.87 4.11 -18.69
N ILE C 148 -11.08 3.59 -18.91
CA ILE C 148 -11.58 3.29 -20.24
C ILE C 148 -12.99 3.83 -20.37
N LEU C 149 -13.28 4.45 -21.51
CA LEU C 149 -14.65 4.77 -21.93
C LEU C 149 -14.98 3.80 -23.06
N ASN C 150 -15.86 2.83 -22.77
CA ASN C 150 -16.09 1.71 -23.67
C ASN C 150 -17.47 1.78 -24.30
N HIS C 151 -17.55 1.42 -25.58
CA HIS C 151 -18.82 1.26 -26.27
C HIS C 151 -18.84 -0.01 -27.10
N GLU C 152 -17.85 -0.89 -26.95
CA GLU C 152 -17.77 -2.12 -27.74
C GLU C 152 -17.67 -3.33 -26.81
N LYS C 153 -17.27 -4.49 -27.35
CA LYS C 153 -17.17 -5.72 -26.55
C LYS C 153 -15.77 -5.77 -25.95
N LEU C 154 -15.63 -5.27 -24.73
CA LEU C 154 -14.35 -5.20 -24.05
C LEU C 154 -14.16 -6.44 -23.17
N THR C 155 -12.97 -7.03 -23.25
CA THR C 155 -12.61 -8.18 -22.43
C THR C 155 -11.26 -7.91 -21.79
N ILE C 156 -11.18 -8.00 -20.47
CA ILE C 156 -9.97 -7.75 -19.71
C ILE C 156 -9.66 -9.00 -18.89
N GLN C 157 -8.41 -9.46 -18.95
CA GLN C 157 -8.00 -10.67 -18.27
C GLN C 157 -6.59 -10.52 -17.73
N ASN C 158 -6.34 -11.16 -16.59
CA ASN C 158 -5.00 -11.25 -16.00
C ASN C 158 -4.38 -9.87 -15.78
N SER C 159 -5.20 -8.87 -15.49
CA SER C 159 -4.74 -7.49 -15.46
C SER C 159 -5.00 -6.85 -14.10
N ARG C 160 -4.23 -5.80 -13.83
CA ARG C 160 -4.45 -4.94 -12.68
C ARG C 160 -5.09 -3.64 -13.15
N LEU C 161 -6.14 -3.21 -12.46
CA LEU C 161 -6.90 -2.01 -12.82
C LEU C 161 -6.92 -1.08 -11.61
N THR C 162 -6.03 -0.09 -11.61
CA THR C 162 -5.87 0.81 -10.47
C THR C 162 -5.87 2.26 -10.93
N GLY C 163 -6.06 3.16 -9.96
CA GLY C 163 -5.93 4.58 -10.19
C GLY C 163 -7.03 5.21 -11.03
N GLY C 164 -8.14 4.51 -11.24
CA GLY C 164 -9.23 5.08 -12.03
C GLY C 164 -10.12 6.02 -11.24
N TYR C 165 -10.07 7.31 -11.57
CA TYR C 165 -10.83 8.34 -10.87
C TYR C 165 -11.64 9.13 -11.90
N ALA C 166 -12.94 9.26 -11.64
CA ALA C 166 -13.83 10.01 -12.54
C ALA C 166 -15.09 10.35 -11.77
N ASN C 167 -15.97 11.12 -12.42
CA ASN C 167 -17.28 11.39 -11.82
C ASN C 167 -18.21 10.20 -11.99
N GLN C 168 -18.24 9.61 -13.19
CA GLN C 168 -19.01 8.41 -13.47
C GLN C 168 -18.08 7.38 -14.10
N GLY C 169 -18.04 6.19 -13.51
CA GLY C 169 -17.20 5.13 -14.02
C GLY C 169 -15.74 5.29 -13.62
N GLY C 170 -15.39 4.77 -12.45
CA GLY C 170 -14.02 4.88 -11.98
C GLY C 170 -13.04 4.16 -12.90
N VAL C 171 -13.34 2.89 -13.21
CA VAL C 171 -12.49 2.13 -14.11
C VAL C 171 -13.02 2.24 -15.54
N ILE C 172 -14.26 1.84 -15.75
CA ILE C 172 -14.84 1.77 -17.09
C ILE C 172 -16.23 2.39 -17.06
N TYR C 173 -16.49 3.29 -18.02
CA TYR C 173 -17.84 3.76 -18.30
C TYR C 173 -18.35 2.97 -19.49
N ASN C 174 -19.28 2.05 -19.25
CA ASN C 174 -19.83 1.20 -20.29
C ASN C 174 -21.07 1.88 -20.88
N GLN C 175 -20.94 2.39 -22.10
CA GLN C 175 -22.03 3.08 -22.78
C GLN C 175 -22.71 2.14 -23.76
N GLY C 176 -24.04 2.23 -23.85
CA GLY C 176 -24.79 1.40 -24.75
C GLY C 176 -26.13 0.97 -24.22
N PHE C 177 -27.15 1.01 -25.08
CA PHE C 177 -28.50 0.58 -24.74
C PHE C 177 -28.89 -0.60 -25.62
N ALA C 178 -29.00 -1.77 -25.01
CA ALA C 178 -29.48 -2.98 -25.68
C ALA C 178 -31.01 -3.05 -25.69
N SER C 179 -31.69 -2.10 -25.06
CA SER C 179 -33.15 -2.02 -25.08
C SER C 179 -33.65 -0.88 -25.96
N LYS C 180 -32.74 -0.20 -26.67
CA LYS C 180 -33.11 0.80 -27.67
C LYS C 180 -33.32 0.17 -29.04
N SER C 181 -33.55 -1.14 -29.10
CA SER C 181 -33.54 -1.91 -30.34
C SER C 181 -32.21 -1.73 -31.08
N ASP C 182 -31.12 -1.71 -30.30
CA ASP C 182 -29.77 -1.44 -30.80
C ASP C 182 -28.89 -2.66 -30.55
N ARG C 183 -28.19 -3.12 -31.59
CA ARG C 183 -27.20 -4.17 -31.46
C ARG C 183 -25.81 -3.63 -31.16
N THR C 184 -25.59 -2.35 -31.41
CA THR C 184 -24.31 -1.70 -31.12
C THR C 184 -24.37 -1.19 -29.69
N PHE C 185 -23.85 -1.98 -28.76
CA PHE C 185 -23.75 -1.58 -27.37
C PHE C 185 -22.44 -2.10 -26.79
N GLY C 186 -22.09 -1.61 -25.61
CA GLY C 186 -20.86 -1.99 -24.94
C GLY C 186 -21.11 -3.04 -23.87
N PHE C 187 -20.20 -4.00 -23.79
CA PHE C 187 -20.24 -5.05 -22.77
C PHE C 187 -18.84 -5.23 -22.21
N VAL C 188 -18.75 -5.37 -20.89
CA VAL C 188 -17.48 -5.48 -20.19
C VAL C 188 -17.38 -6.87 -19.59
N TYR C 189 -16.26 -7.54 -19.82
CA TYR C 189 -15.98 -8.84 -19.23
C TYR C 189 -14.60 -8.79 -18.59
N ILE C 190 -14.55 -8.94 -17.27
CA ILE C 190 -13.32 -8.89 -16.50
C ILE C 190 -13.15 -10.21 -15.77
N VAL C 191 -12.03 -10.89 -16.02
CA VAL C 191 -11.78 -12.21 -15.46
C VAL C 191 -10.34 -12.27 -14.95
N ASN C 192 -10.16 -12.84 -13.76
CA ASN C 192 -8.84 -13.05 -13.16
C ASN C 192 -8.06 -11.74 -13.10
N SER C 193 -8.69 -10.70 -12.56
CA SER C 193 -8.10 -9.38 -12.52
C SER C 193 -8.18 -8.81 -11.11
N LEU C 194 -7.40 -7.76 -10.87
CA LEU C 194 -7.36 -7.05 -9.59
C LEU C 194 -7.88 -5.63 -9.81
N ILE C 195 -8.91 -5.26 -9.07
CA ILE C 195 -9.51 -3.93 -9.13
C ILE C 195 -9.27 -3.28 -7.78
N GLN C 196 -8.38 -2.29 -7.74
CA GLN C 196 -7.97 -1.69 -6.47
C GLN C 196 -7.70 -0.21 -6.66
N ASN C 197 -8.06 0.57 -5.64
CA ASN C 197 -7.81 2.02 -5.60
C ASN C 197 -8.43 2.73 -6.80
N ASN C 198 -9.75 2.64 -6.90
CA ASN C 198 -10.52 3.33 -7.92
C ASN C 198 -11.69 4.04 -7.26
N LYS C 199 -11.97 5.25 -7.72
CA LYS C 199 -12.93 6.13 -7.05
C LYS C 199 -13.83 6.80 -8.09
N ALA C 200 -15.07 7.03 -7.68
CA ALA C 200 -16.04 7.74 -8.51
C ALA C 200 -17.20 8.19 -7.64
N ALA C 201 -17.88 9.24 -8.10
CA ALA C 201 -19.10 9.67 -7.41
C ALA C 201 -20.21 8.66 -7.58
N GLN C 202 -20.34 8.10 -8.78
CA GLN C 202 -21.30 7.04 -9.07
C GLN C 202 -20.64 6.06 -10.02
N GLY C 203 -20.88 4.77 -9.81
CA GLY C 203 -20.18 3.76 -10.57
C GLY C 203 -18.72 3.73 -10.22
N GLY C 204 -18.40 3.33 -8.99
CA GLY C 204 -17.03 3.43 -8.51
C GLY C 204 -16.05 2.64 -9.35
N VAL C 205 -16.48 1.49 -9.87
CA VAL C 205 -15.67 0.69 -10.77
C VAL C 205 -16.23 0.74 -12.20
N ILE C 206 -17.50 0.41 -12.38
CA ILE C 206 -18.15 0.40 -13.68
C ILE C 206 -19.44 1.20 -13.59
N TYR C 207 -19.55 2.24 -14.39
CA TYR C 207 -20.82 2.93 -14.63
C TYR C 207 -21.34 2.45 -15.98
N SER C 208 -22.39 1.64 -15.96
CA SER C 208 -23.00 1.11 -17.17
C SER C 208 -24.43 1.61 -17.26
N GLU C 209 -24.80 2.13 -18.43
CA GLU C 209 -26.15 2.66 -18.61
C GLU C 209 -27.20 1.57 -18.46
N GLN C 210 -26.82 0.31 -18.69
CA GLN C 210 -27.67 -0.85 -18.49
C GLN C 210 -26.81 -1.99 -17.94
N PRO C 211 -27.43 -2.95 -17.24
CA PRO C 211 -26.65 -4.08 -16.71
C PRO C 211 -25.97 -4.87 -17.83
N LEU C 212 -24.79 -4.43 -18.24
CA LEU C 212 -24.05 -5.04 -19.34
C LEU C 212 -22.59 -5.25 -18.95
N PHE C 213 -22.38 -6.04 -17.89
CA PHE C 213 -21.04 -6.34 -17.42
C PHE C 213 -21.05 -7.71 -16.73
N LEU C 214 -19.89 -8.35 -16.74
CA LEU C 214 -19.72 -9.65 -16.09
C LEU C 214 -18.31 -9.72 -15.52
N ILE C 215 -18.21 -9.82 -14.20
CA ILE C 215 -16.93 -9.89 -13.51
C ILE C 215 -16.85 -11.25 -12.82
N THR C 216 -15.77 -11.98 -13.07
CA THR C 216 -15.60 -13.32 -12.52
C THR C 216 -14.15 -13.57 -12.15
N GLN C 217 -13.96 -14.40 -11.12
CA GLN C 217 -12.63 -14.88 -10.72
C GLN C 217 -11.68 -13.74 -10.43
N SER C 218 -12.20 -12.63 -9.92
CA SER C 218 -11.43 -11.41 -9.71
C SER C 218 -11.43 -11.04 -8.23
N VAL C 219 -10.69 -9.99 -7.90
CA VAL C 219 -10.60 -9.45 -6.54
C VAL C 219 -10.85 -7.96 -6.61
N ILE C 220 -11.89 -7.50 -5.91
CA ILE C 220 -12.30 -6.10 -5.91
C ILE C 220 -12.09 -5.56 -4.50
N ARG C 221 -11.12 -4.67 -4.33
CA ARG C 221 -10.78 -4.16 -3.01
C ARG C 221 -10.38 -2.70 -3.09
N ASP C 222 -10.63 -1.98 -1.99
CA ASP C 222 -10.14 -0.61 -1.80
C ASP C 222 -10.67 0.35 -2.86
N ASN C 223 -11.95 0.18 -3.22
CA ASN C 223 -12.62 1.09 -4.14
C ASN C 223 -13.69 1.88 -3.39
N GLU C 224 -14.06 3.02 -3.95
CA GLU C 224 -14.96 3.94 -3.27
C GLU C 224 -15.99 4.50 -4.24
N VAL C 225 -17.22 4.64 -3.75
CA VAL C 225 -18.26 5.42 -4.41
C VAL C 225 -18.58 6.59 -3.49
N SER C 226 -18.30 7.82 -3.95
CA SER C 226 -18.49 8.99 -3.12
C SER C 226 -19.93 9.12 -2.64
N ASN C 227 -20.89 8.80 -3.50
CA ASN C 227 -22.29 8.80 -3.12
C ASN C 227 -22.59 7.53 -2.33
N THR C 228 -22.96 7.70 -1.06
CA THR C 228 -23.26 6.54 -0.21
C THR C 228 -24.47 5.75 -0.71
N SER C 229 -25.26 6.33 -1.61
CA SER C 229 -26.35 5.61 -2.26
C SER C 229 -25.95 5.02 -3.61
N GLY C 230 -24.69 5.18 -4.01
CA GLY C 230 -24.21 4.66 -5.27
C GLY C 230 -23.72 3.22 -5.15
N SER C 231 -23.15 2.74 -6.26
CA SER C 231 -22.67 1.37 -6.35
C SER C 231 -21.35 1.33 -7.09
N LEU C 232 -20.48 0.39 -6.71
CA LEU C 232 -19.24 0.19 -7.44
C LEU C 232 -19.53 -0.24 -8.88
N PHE C 233 -20.42 -1.22 -9.04
CA PHE C 233 -20.87 -1.70 -10.35
C PHE C 233 -22.31 -1.22 -10.53
N PHE C 234 -22.45 0.02 -10.99
CA PHE C 234 -23.75 0.68 -11.04
C PHE C 234 -24.40 0.52 -12.41
N SER C 235 -25.70 0.22 -12.40
CA SER C 235 -26.51 0.13 -13.62
C SER C 235 -27.54 1.24 -13.59
N GLN C 236 -27.44 2.15 -14.56
CA GLN C 236 -28.30 3.34 -14.58
C GLN C 236 -29.76 2.97 -14.74
N ASP C 237 -30.14 2.45 -15.90
CA ASP C 237 -31.52 2.10 -16.20
C ASP C 237 -31.69 0.59 -16.18
N SER C 238 -32.95 0.17 -16.09
CA SER C 238 -33.28 -1.25 -16.09
C SER C 238 -33.49 -1.74 -17.52
N PHE C 239 -33.43 -3.06 -17.68
CA PHE C 239 -33.63 -3.66 -19.00
C PHE C 239 -35.08 -3.54 -19.46
N ASP C 240 -36.02 -3.49 -18.52
CA ASP C 240 -37.47 -3.59 -18.79
C ASP C 240 -37.67 -4.86 -19.63
N ASP C 241 -38.37 -4.78 -20.77
CA ASP C 241 -38.54 -5.90 -21.68
C ASP C 241 -39.12 -7.13 -20.99
N GLU C 242 -38.97 -8.28 -21.62
CA GLU C 242 -39.31 -9.56 -21.01
C GLU C 242 -38.13 -10.51 -21.00
N SER C 243 -37.01 -10.12 -21.61
CA SER C 243 -35.82 -10.96 -21.66
C SER C 243 -35.06 -10.99 -20.35
N THR C 244 -35.52 -10.29 -19.32
CA THR C 244 -34.89 -10.37 -18.00
C THR C 244 -34.89 -11.79 -17.47
N GLY C 245 -35.93 -12.57 -17.78
CA GLY C 245 -35.94 -13.96 -17.39
C GLY C 245 -34.90 -14.78 -18.12
N GLU C 246 -34.75 -14.55 -19.43
CA GLU C 246 -33.74 -15.27 -20.19
C GLU C 246 -32.32 -14.84 -19.80
N TYR C 247 -32.15 -13.59 -19.35
CA TYR C 247 -30.83 -13.11 -18.99
C TYR C 247 -30.31 -13.79 -17.73
N VAL C 248 -31.19 -14.04 -16.75
CA VAL C 248 -30.73 -14.52 -15.46
C VAL C 248 -30.43 -16.01 -15.49
N VAL C 249 -31.21 -16.80 -16.22
CA VAL C 249 -30.93 -18.23 -16.32
C VAL C 249 -29.65 -18.47 -17.12
N GLN C 250 -29.26 -17.53 -17.98
CA GLN C 250 -28.02 -17.68 -18.73
C GLN C 250 -26.79 -17.33 -17.91
N ARG C 251 -26.95 -16.57 -16.82
CA ARG C 251 -25.86 -16.16 -15.95
C ARG C 251 -24.78 -15.43 -16.75
N ALA C 252 -25.20 -14.34 -17.39
CA ALA C 252 -24.32 -13.56 -18.26
C ALA C 252 -24.00 -12.17 -17.72
N ILE C 253 -24.77 -11.68 -16.75
CA ILE C 253 -24.59 -10.33 -16.23
C ILE C 253 -24.55 -10.41 -14.71
N GLY C 254 -23.45 -9.99 -14.13
CA GLY C 254 -23.34 -9.91 -12.67
C GLY C 254 -21.93 -10.20 -12.22
N LEU C 255 -21.82 -10.71 -10.99
CA LEU C 255 -20.55 -11.02 -10.35
C LEU C 255 -20.53 -12.49 -9.93
N SER C 256 -19.35 -13.11 -10.01
CA SER C 256 -19.23 -14.51 -9.66
C SER C 256 -17.78 -14.83 -9.31
N ASN C 257 -17.62 -15.79 -8.38
CA ASN C 257 -16.31 -16.35 -8.04
C ASN C 257 -15.29 -15.27 -7.70
N SER C 258 -15.74 -14.21 -7.05
CA SER C 258 -14.89 -13.06 -6.79
C SER C 258 -14.86 -12.74 -5.31
N THR C 259 -13.72 -12.22 -4.86
CA THR C 259 -13.52 -11.79 -3.49
C THR C 259 -13.57 -10.26 -3.44
N VAL C 260 -14.49 -9.71 -2.63
CA VAL C 260 -14.71 -8.28 -2.56
C VAL C 260 -14.65 -7.86 -1.10
N PHE C 261 -13.71 -6.97 -0.77
CA PHE C 261 -13.56 -6.53 0.61
C PHE C 261 -12.88 -5.17 0.66
N HIS C 262 -13.08 -4.47 1.78
CA HIS C 262 -12.41 -3.20 2.08
C HIS C 262 -12.79 -2.10 1.09
N ASN C 263 -14.04 -2.08 0.66
CA ASN C 263 -14.55 -1.02 -0.18
C ASN C 263 -15.36 -0.02 0.64
N LYS C 264 -15.31 1.24 0.23
CA LYS C 264 -15.91 2.32 0.99
C LYS C 264 -16.99 3.03 0.17
N GLY C 265 -17.80 3.80 0.87
CA GLY C 265 -18.82 4.63 0.24
C GLY C 265 -20.15 3.90 0.14
N GLY C 266 -20.68 3.80 -1.08
CA GLY C 266 -21.97 3.18 -1.31
C GLY C 266 -21.88 1.68 -1.44
N PHE C 267 -22.88 1.12 -2.10
CA PHE C 267 -22.97 -0.33 -2.25
C PHE C 267 -21.95 -0.81 -3.28
N ILE C 268 -21.94 -2.13 -3.49
CA ILE C 268 -21.04 -2.74 -4.47
C ILE C 268 -21.71 -2.83 -5.84
N THR C 269 -22.98 -3.22 -5.87
CA THR C 269 -23.75 -3.19 -7.10
C THR C 269 -25.22 -3.10 -6.76
N ASN C 270 -26.00 -2.57 -7.70
CA ASN C 270 -27.45 -2.47 -7.57
C ASN C 270 -28.05 -3.59 -8.41
N VAL C 271 -28.51 -4.66 -7.75
CA VAL C 271 -28.99 -5.83 -8.45
C VAL C 271 -30.32 -5.52 -9.12
N ARG C 272 -30.33 -5.57 -10.45
CA ARG C 272 -31.54 -5.36 -11.24
C ARG C 272 -31.99 -6.68 -11.86
N ASP C 273 -33.14 -6.64 -12.52
CA ASP C 273 -33.66 -7.82 -13.19
C ASP C 273 -32.74 -8.22 -14.34
N GLY C 274 -32.50 -9.53 -14.46
CA GLY C 274 -31.56 -10.06 -15.43
C GLY C 274 -30.17 -10.29 -14.89
N MET C 275 -29.87 -9.83 -13.68
CA MET C 275 -28.55 -9.94 -13.10
C MET C 275 -28.48 -11.10 -12.12
N PHE C 276 -27.28 -11.66 -11.96
CA PHE C 276 -27.07 -12.77 -11.04
C PHE C 276 -25.79 -12.52 -10.24
N VAL C 277 -25.77 -13.07 -9.03
CA VAL C 277 -24.59 -13.05 -8.17
C VAL C 277 -24.42 -14.45 -7.59
N ASN C 278 -23.27 -15.08 -7.84
CA ASN C 278 -23.08 -16.46 -7.44
C ASN C 278 -21.66 -16.69 -6.98
N ASN C 279 -21.51 -17.25 -5.76
CA ASN C 279 -20.21 -17.69 -5.24
C ASN C 279 -19.23 -16.53 -5.08
N ILE C 280 -19.66 -15.49 -4.37
CA ILE C 280 -18.77 -14.37 -4.07
C ILE C 280 -18.56 -14.31 -2.56
N THR C 281 -17.43 -13.75 -2.16
CA THR C 281 -17.09 -13.52 -0.76
C THR C 281 -17.09 -12.00 -0.56
N MET C 282 -18.17 -11.48 0.01
CA MET C 282 -18.38 -10.05 0.16
C MET C 282 -18.38 -9.72 1.66
N ILE C 283 -17.20 -9.46 2.20
CA ILE C 283 -17.03 -9.20 3.61
C ILE C 283 -16.21 -7.92 3.79
N LYS C 284 -16.34 -7.32 4.98
CA LYS C 284 -15.52 -6.18 5.40
C LYS C 284 -15.62 -5.01 4.42
N ASN C 285 -16.85 -4.67 4.05
CA ASN C 285 -17.12 -3.50 3.24
C ASN C 285 -18.01 -2.53 4.01
N ASP C 286 -18.14 -1.31 3.48
CA ASP C 286 -19.06 -0.36 4.08
C ASP C 286 -20.50 -0.71 3.76
N LYS C 287 -20.80 -0.94 2.48
CA LYS C 287 -22.13 -1.33 2.05
C LYS C 287 -22.03 -2.48 1.07
N GLY C 288 -23.02 -3.37 1.11
CA GLY C 288 -23.00 -4.58 0.30
C GLY C 288 -23.83 -4.48 -0.96
N LEU C 289 -24.93 -5.23 -1.01
CA LEU C 289 -25.77 -5.32 -2.19
C LEU C 289 -27.03 -4.49 -2.01
N PHE C 290 -27.31 -3.63 -2.99
CA PHE C 290 -28.60 -2.94 -3.06
C PHE C 290 -29.51 -3.70 -4.01
N LEU C 291 -30.75 -3.92 -3.59
CA LEU C 291 -31.68 -4.79 -4.30
C LEU C 291 -32.81 -3.94 -4.89
N GLU C 292 -32.92 -3.96 -6.22
CA GLU C 292 -33.98 -3.24 -6.94
C GLU C 292 -34.34 -4.05 -8.18
N ALA C 293 -34.96 -5.21 -7.97
CA ALA C 293 -35.41 -6.10 -9.03
C ALA C 293 -36.91 -6.31 -8.87
N PRO C 294 -37.75 -5.42 -9.42
CA PRO C 294 -39.20 -5.53 -9.18
C PRO C 294 -39.87 -6.73 -9.84
N GLN C 295 -39.26 -7.31 -10.87
CA GLN C 295 -39.86 -8.44 -11.56
C GLN C 295 -39.42 -9.79 -11.00
N GLY C 296 -38.52 -9.80 -10.02
CA GLY C 296 -38.07 -11.05 -9.44
C GLY C 296 -37.25 -11.92 -10.36
N ASN C 297 -36.49 -11.33 -11.27
CA ASN C 297 -35.64 -12.05 -12.20
C ASN C 297 -34.16 -11.85 -11.87
N ALA C 298 -33.83 -11.84 -10.59
CA ALA C 298 -32.46 -11.68 -10.12
C ALA C 298 -32.17 -12.74 -9.06
N SER C 299 -30.94 -13.25 -9.06
CA SER C 299 -30.56 -14.36 -8.20
C SER C 299 -29.24 -14.05 -7.50
N ILE C 300 -29.22 -14.27 -6.18
CA ILE C 300 -28.00 -14.19 -5.39
C ILE C 300 -27.87 -15.49 -4.62
N SER C 301 -26.81 -16.26 -4.90
CA SER C 301 -26.70 -17.61 -4.40
C SER C 301 -25.26 -17.95 -4.05
N ASN C 302 -25.11 -18.88 -3.11
CA ASN C 302 -23.83 -19.53 -2.80
C ASN C 302 -22.75 -18.54 -2.39
N SER C 303 -23.14 -17.40 -1.83
CA SER C 303 -22.21 -16.34 -1.50
C SER C 303 -22.19 -16.08 0.00
N ILE C 304 -21.11 -15.44 0.45
CA ILE C 304 -20.94 -15.02 1.84
C ILE C 304 -21.19 -13.53 1.90
N LEU C 305 -22.31 -13.14 2.50
CA LEU C 305 -22.72 -11.74 2.50
C LEU C 305 -22.83 -11.19 3.92
N VAL C 306 -21.75 -11.29 4.70
CA VAL C 306 -21.72 -10.80 6.07
C VAL C 306 -20.43 -10.00 6.27
N GLY C 307 -20.28 -9.44 7.47
CA GLY C 307 -19.10 -8.70 7.82
C GLY C 307 -19.05 -7.27 7.32
N ASN C 308 -20.15 -6.75 6.78
CA ASN C 308 -20.21 -5.39 6.29
C ASN C 308 -21.07 -4.52 7.20
N THR C 309 -20.83 -3.22 7.16
CA THR C 309 -21.64 -2.29 7.94
C THR C 309 -23.10 -2.34 7.49
N ILE C 310 -23.34 -2.41 6.18
CA ILE C 310 -24.66 -2.62 5.62
C ILE C 310 -24.54 -3.75 4.61
N ASN C 311 -25.04 -4.93 4.99
CA ASN C 311 -24.97 -6.08 4.10
C ASN C 311 -25.93 -5.95 2.94
N CYS C 312 -27.22 -5.70 3.24
CA CYS C 312 -28.23 -5.58 2.20
C CYS C 312 -29.13 -4.40 2.52
N GLN C 313 -29.57 -3.72 1.46
CA GLN C 313 -30.63 -2.71 1.55
C GLN C 313 -31.44 -2.81 0.27
N ALA C 314 -32.75 -2.96 0.42
CA ALA C 314 -33.62 -3.23 -0.72
C ALA C 314 -34.58 -2.07 -0.96
N ASN C 315 -35.08 -2.01 -2.19
CA ASN C 315 -36.12 -1.06 -2.54
C ASN C 315 -37.47 -1.58 -2.04
N SER C 316 -38.44 -0.67 -1.99
CA SER C 316 -39.77 -1.04 -1.49
C SER C 316 -40.49 -2.03 -2.39
N THR C 317 -40.03 -2.22 -3.63
CA THR C 317 -40.68 -3.11 -4.58
C THR C 317 -39.76 -4.24 -5.03
N ASP C 318 -38.67 -4.47 -4.32
CA ASP C 318 -37.69 -5.47 -4.74
C ASP C 318 -38.24 -6.88 -4.56
N LYS C 319 -37.93 -7.76 -5.52
CA LYS C 319 -38.32 -9.16 -5.47
C LYS C 319 -37.13 -10.07 -5.78
N ALA C 320 -35.92 -9.61 -5.48
CA ALA C 320 -34.73 -10.41 -5.75
C ALA C 320 -34.75 -11.69 -4.93
N ILE C 321 -34.19 -12.76 -5.50
CA ILE C 321 -34.19 -14.08 -4.89
C ILE C 321 -32.82 -14.29 -4.25
N ILE C 322 -32.80 -14.37 -2.91
CA ILE C 322 -31.59 -14.62 -2.15
C ILE C 322 -31.73 -16.00 -1.53
N GLN C 323 -30.95 -16.97 -2.01
CA GLN C 323 -31.08 -18.35 -1.57
C GLN C 323 -29.71 -19.01 -1.50
N SER C 324 -29.52 -19.84 -0.48
CA SER C 324 -28.29 -20.62 -0.28
C SER C 324 -27.08 -19.70 -0.04
N ASN C 325 -27.28 -18.64 0.74
CA ASN C 325 -26.22 -17.72 1.08
C ASN C 325 -26.04 -17.65 2.59
N LEU C 326 -24.81 -17.36 3.02
CA LEU C 326 -24.51 -17.10 4.42
C LEU C 326 -24.79 -15.63 4.68
N VAL C 327 -25.96 -15.34 5.25
CA VAL C 327 -26.43 -13.97 5.41
C VAL C 327 -26.85 -13.75 6.86
N THR C 328 -26.98 -12.47 7.22
CA THR C 328 -27.59 -12.09 8.48
C THR C 328 -29.11 -12.10 8.32
N THR C 329 -29.81 -11.67 9.38
CA THR C 329 -31.27 -11.81 9.39
C THR C 329 -31.93 -10.92 8.34
N GLU C 330 -31.43 -9.70 8.15
CA GLU C 330 -32.08 -8.75 7.26
C GLU C 330 -31.90 -9.10 5.79
N CYS C 331 -31.03 -10.05 5.45
CA CYS C 331 -30.78 -10.43 4.07
C CYS C 331 -31.48 -11.71 3.66
N ASN C 332 -32.16 -12.38 4.58
CA ASN C 332 -32.88 -13.63 4.28
C ASN C 332 -34.21 -13.29 3.63
N ARG C 333 -34.12 -12.78 2.39
CA ARG C 333 -35.25 -12.20 1.68
C ARG C 333 -35.63 -13.07 0.50
N ASN C 334 -36.93 -13.36 0.37
CA ASN C 334 -37.53 -13.97 -0.81
C ASN C 334 -36.78 -15.25 -1.22
N ALA C 335 -36.92 -16.27 -0.38
CA ALA C 335 -36.26 -17.55 -0.59
C ALA C 335 -37.27 -18.67 -0.50
N SER C 336 -37.16 -19.63 -1.41
CA SER C 336 -37.94 -20.85 -1.32
C SER C 336 -37.31 -21.78 -0.28
N VAL C 337 -38.14 -22.29 0.63
CA VAL C 337 -37.65 -23.08 1.75
C VAL C 337 -36.95 -24.35 1.33
N LYS C 338 -37.05 -24.74 0.06
CA LYS C 338 -36.30 -25.88 -0.46
C LYS C 338 -34.82 -25.57 -0.64
N VAL C 339 -34.45 -24.30 -0.81
CA VAL C 339 -33.05 -23.92 -0.93
C VAL C 339 -32.78 -22.75 0.01
N PRO C 340 -33.01 -22.90 1.32
CA PRO C 340 -32.99 -21.73 2.21
C PRO C 340 -31.59 -21.19 2.42
N ASN C 341 -31.53 -20.04 3.07
CA ASN C 341 -30.28 -19.40 3.42
C ASN C 341 -29.79 -19.88 4.79
N ILE C 342 -28.51 -19.67 5.05
CA ILE C 342 -27.90 -20.02 6.32
C ILE C 342 -27.68 -18.75 7.12
N LEU C 343 -28.38 -18.63 8.25
CA LEU C 343 -28.24 -17.45 9.09
C LEU C 343 -26.90 -17.45 9.80
N TYR C 344 -26.25 -16.29 9.80
CA TYR C 344 -24.95 -16.16 10.47
C TYR C 344 -25.17 -16.12 11.98
N PRO C 345 -24.53 -17.02 12.74
CA PRO C 345 -24.73 -17.02 14.19
C PRO C 345 -24.13 -15.78 14.83
N ALA C 346 -24.80 -15.29 15.87
CA ALA C 346 -24.32 -14.11 16.58
C ALA C 346 -23.01 -14.42 17.30
N ASN C 347 -22.10 -13.44 17.28
CA ASN C 347 -20.82 -13.56 17.98
C ASN C 347 -19.95 -14.65 17.39
N GLN C 348 -20.14 -14.97 16.12
CA GLN C 348 -19.29 -15.91 15.40
C GLN C 348 -18.15 -15.16 14.75
N LYS C 349 -16.92 -15.58 15.05
CA LYS C 349 -15.75 -14.95 14.47
C LYS C 349 -15.63 -15.33 12.99
N LEU C 350 -15.54 -14.31 12.13
CA LEU C 350 -15.48 -14.51 10.69
C LEU C 350 -14.07 -14.74 10.19
N ILE C 351 -13.10 -13.93 10.65
CA ILE C 351 -11.72 -14.00 10.20
C ILE C 351 -10.88 -14.59 11.33
N ALA C 352 -10.03 -15.56 11.00
CA ALA C 352 -9.18 -16.21 12.00
C ALA C 352 -7.85 -15.47 12.08
N GLY C 353 -7.86 -14.36 12.79
CA GLY C 353 -6.66 -13.57 12.96
C GLY C 353 -6.97 -12.24 13.58
N SER C 354 -5.90 -11.44 13.73
CA SER C 354 -6.02 -10.10 14.30
C SER C 354 -6.25 -9.03 13.23
N THR C 355 -6.05 -9.35 11.96
CA THR C 355 -6.28 -8.43 10.86
C THR C 355 -7.05 -9.13 9.76
N ASP C 356 -7.69 -8.33 8.90
CA ASP C 356 -8.41 -8.88 7.76
C ASP C 356 -7.47 -9.42 6.69
N GLU C 357 -6.19 -9.05 6.73
CA GLU C 357 -5.20 -9.51 5.78
C GLU C 357 -3.89 -9.77 6.51
N GLY C 358 -3.33 -10.95 6.32
CA GLY C 358 -2.10 -11.32 6.97
C GLY C 358 -2.03 -12.82 7.16
N VAL C 359 -1.29 -13.23 8.18
CA VAL C 359 -1.12 -14.66 8.49
C VAL C 359 -2.39 -15.19 9.15
N CYS C 360 -2.61 -16.49 9.02
CA CYS C 360 -3.79 -17.14 9.55
C CYS C 360 -3.43 -17.89 10.84
N ASP C 361 -4.19 -17.62 11.91
CA ASP C 361 -3.97 -18.28 13.19
C ASP C 361 -4.66 -19.64 13.14
N VAL C 362 -3.95 -20.63 12.60
CA VAL C 362 -4.48 -21.96 12.40
C VAL C 362 -4.67 -22.73 13.70
N ALA C 363 -4.23 -22.17 14.83
CA ALA C 363 -4.41 -22.84 16.12
C ALA C 363 -5.83 -22.69 16.63
N SER C 364 -6.48 -21.55 16.36
CA SER C 364 -7.84 -21.34 16.82
C SER C 364 -8.83 -22.13 15.96
N LYS C 365 -10.04 -22.28 16.49
CA LYS C 365 -11.09 -23.02 15.80
C LYS C 365 -12.32 -22.18 15.49
N ASP C 366 -12.44 -20.98 16.06
CA ASP C 366 -13.65 -20.18 15.86
C ASP C 366 -13.68 -19.53 14.48
N GLY C 367 -12.52 -19.22 13.91
CA GLY C 367 -12.45 -18.51 12.65
C GLY C 367 -13.05 -19.24 11.47
N LEU C 368 -14.05 -18.63 10.83
CA LEU C 368 -14.66 -19.26 9.66
C LEU C 368 -13.76 -19.18 8.44
N LEU C 369 -13.04 -18.06 8.28
CA LEU C 369 -12.15 -17.85 7.15
C LEU C 369 -10.78 -17.43 7.66
N CYS C 370 -9.77 -17.71 6.85
CA CYS C 370 -8.43 -17.18 7.10
C CYS C 370 -8.36 -15.73 6.61
N PRO C 371 -7.45 -14.94 7.17
CA PRO C 371 -7.25 -13.58 6.64
C PRO C 371 -6.82 -13.62 5.19
N PHE C 372 -7.03 -12.49 4.51
CA PHE C 372 -6.72 -12.39 3.09
C PHE C 372 -5.23 -12.59 2.87
N ASN C 373 -4.88 -13.45 1.91
CA ASN C 373 -3.49 -13.73 1.61
C ASN C 373 -3.37 -14.17 0.16
N THR C 374 -2.26 -13.78 -0.46
CA THR C 374 -2.01 -14.09 -1.86
C THR C 374 -0.93 -15.16 -1.95
N PRO C 375 -1.25 -16.37 -2.39
CA PRO C 375 -0.24 -17.42 -2.50
C PRO C 375 0.79 -17.07 -3.58
N LYS C 376 1.94 -17.73 -3.48
CA LYS C 376 3.05 -17.45 -4.38
C LYS C 376 2.84 -18.04 -5.77
N ASP C 377 1.90 -18.97 -5.94
CA ASP C 377 1.61 -19.58 -7.23
C ASP C 377 0.42 -18.96 -7.92
N SER C 378 -0.21 -17.95 -7.33
CA SER C 378 -1.40 -17.34 -7.88
C SER C 378 -1.22 -15.83 -7.97
N PHE C 379 -1.95 -15.23 -8.90
CA PHE C 379 -1.94 -13.78 -9.12
C PHE C 379 -2.87 -13.04 -8.18
N LEU C 380 -3.97 -13.66 -7.78
CA LEU C 380 -4.96 -13.04 -6.90
C LEU C 380 -5.03 -13.79 -5.57
N GLY C 381 -5.23 -13.02 -4.49
CA GLY C 381 -5.43 -13.60 -3.18
C GLY C 381 -6.89 -13.91 -2.90
N PHE C 382 -7.14 -14.38 -1.68
CA PHE C 382 -8.48 -14.81 -1.30
C PHE C 382 -8.54 -15.01 0.21
N PHE C 383 -9.76 -15.26 0.70
CA PHE C 383 -10.00 -15.70 2.07
C PHE C 383 -10.21 -17.21 2.05
N LYS C 384 -9.22 -17.95 2.55
CA LYS C 384 -9.30 -19.40 2.53
C LYS C 384 -10.29 -19.90 3.58
N PRO C 385 -11.23 -20.77 3.21
CA PRO C 385 -12.16 -21.31 4.22
C PRO C 385 -11.47 -22.32 5.12
N ARG C 386 -11.94 -22.37 6.36
CA ARG C 386 -11.38 -23.24 7.39
C ARG C 386 -12.43 -24.26 7.84
N LEU C 387 -11.95 -25.28 8.56
CA LEU C 387 -12.81 -26.33 9.11
C LEU C 387 -13.12 -25.99 10.56
N LEU C 388 -14.24 -25.28 10.77
CA LEU C 388 -14.71 -25.04 12.12
C LEU C 388 -15.11 -26.33 12.80
N GLU C 389 -15.86 -27.18 12.10
CA GLU C 389 -16.26 -28.48 12.62
C GLU C 389 -15.67 -29.61 11.77
N ASP C 396 -22.53 -28.70 12.03
CA ASP C 396 -22.03 -28.73 10.67
C ASP C 396 -21.45 -27.37 10.30
N SER C 397 -20.58 -27.35 9.28
CA SER C 397 -19.96 -26.11 8.84
C SER C 397 -20.99 -25.20 8.15
N LEU C 398 -20.82 -23.90 8.35
CA LEU C 398 -21.71 -22.91 7.76
C LEU C 398 -21.38 -22.62 6.30
N ILE C 399 -20.18 -22.97 5.84
CA ILE C 399 -19.68 -22.58 4.53
C ILE C 399 -19.39 -23.80 3.66
N ILE C 400 -18.71 -24.80 4.21
CA ILE C 400 -18.24 -25.93 3.43
C ILE C 400 -19.39 -26.90 3.17
N ASN C 401 -19.50 -27.36 1.93
CA ASN C 401 -20.46 -28.39 1.53
C ASN C 401 -21.90 -27.96 1.80
N LYS C 402 -22.20 -26.68 1.54
CA LYS C 402 -23.55 -26.16 1.71
C LYS C 402 -24.12 -25.61 0.41
N GLY C 403 -23.49 -25.87 -0.73
CA GLY C 403 -24.04 -25.54 -2.03
C GLY C 403 -24.20 -26.80 -2.85
N ARG C 404 -25.18 -26.78 -3.75
CA ARG C 404 -25.48 -27.93 -4.59
C ARG C 404 -25.49 -27.50 -6.06
N LEU C 405 -25.15 -28.43 -6.94
CA LEU C 405 -25.15 -28.21 -8.38
C LEU C 405 -26.48 -28.58 -9.02
N TYR C 406 -27.59 -28.32 -8.34
CA TYR C 406 -28.91 -28.68 -8.84
C TYR C 406 -29.33 -27.78 -9.99
N VAL C 412 -28.56 -25.99 -15.22
CA VAL C 412 -28.14 -25.09 -14.16
C VAL C 412 -29.32 -24.26 -13.64
N GLY C 413 -29.70 -24.51 -12.39
CA GLY C 413 -30.72 -23.73 -11.74
C GLY C 413 -30.22 -22.38 -11.28
N LEU C 414 -31.15 -21.60 -10.73
CA LEU C 414 -30.78 -20.26 -10.26
C LEU C 414 -29.82 -20.31 -9.08
N ALA C 415 -29.98 -21.30 -8.20
CA ALA C 415 -29.13 -21.44 -7.03
C ALA C 415 -28.04 -22.49 -7.23
N SER C 416 -27.77 -22.87 -8.48
CA SER C 416 -26.74 -23.88 -8.73
C SER C 416 -25.35 -23.32 -8.46
N CYS C 417 -24.44 -24.23 -8.13
CA CYS C 417 -23.06 -23.85 -7.86
C CYS C 417 -22.35 -23.42 -9.14
N GLU C 418 -21.30 -22.63 -8.98
CA GLU C 418 -20.37 -22.40 -10.07
C GLU C 418 -19.55 -23.65 -10.32
N THR C 419 -19.24 -23.91 -11.60
CA THR C 419 -18.44 -25.09 -11.89
C THR C 419 -16.99 -24.91 -11.46
N LEU C 420 -16.52 -23.67 -11.39
CA LEU C 420 -15.14 -23.35 -11.05
C LEU C 420 -15.13 -22.43 -9.84
N ASP C 421 -13.94 -22.21 -9.29
CA ASP C 421 -13.76 -21.26 -8.19
C ASP C 421 -12.93 -20.08 -8.69
N GLN C 422 -12.56 -19.19 -7.77
CA GLN C 422 -11.79 -18.01 -8.15
C GLN C 422 -10.43 -18.40 -8.71
N ARG C 423 -9.82 -19.45 -8.18
CA ARG C 423 -8.51 -19.92 -8.62
C ARG C 423 -8.57 -20.75 -9.90
N GLY C 424 -9.77 -21.02 -10.43
CA GLY C 424 -9.89 -21.90 -11.56
C GLY C 424 -9.94 -23.38 -11.21
N LYS C 425 -10.12 -23.72 -9.94
CA LYS C 425 -10.27 -25.10 -9.51
C LYS C 425 -11.73 -25.51 -9.62
N ARG C 426 -11.95 -26.75 -10.03
CA ARG C 426 -13.30 -27.27 -10.20
C ARG C 426 -13.98 -27.46 -8.85
N ARG C 427 -15.19 -26.91 -8.71
CA ARG C 427 -15.92 -27.04 -7.45
C ARG C 427 -16.57 -28.40 -7.32
N THR C 428 -17.13 -28.93 -8.41
CA THR C 428 -17.81 -30.21 -8.39
C THR C 428 -16.91 -31.30 -8.97
N GLY C 429 -17.51 -32.44 -9.30
CA GLY C 429 -16.76 -33.59 -9.79
C GLY C 429 -17.09 -34.86 -9.05
N TYR C 430 -16.50 -35.01 -7.86
CA TYR C 430 -16.79 -36.15 -6.98
C TYR C 430 -17.81 -35.80 -5.91
N ASP C 431 -17.75 -34.57 -5.40
CA ASP C 431 -18.55 -34.24 -4.22
C ASP C 431 -19.99 -33.87 -4.56
N GLU C 432 -20.23 -33.33 -5.77
CA GLU C 432 -21.55 -32.85 -6.20
C GLU C 432 -21.94 -31.57 -5.45
N LEU C 433 -21.34 -31.35 -4.29
CA LEU C 433 -21.58 -30.16 -3.48
C LEU C 433 -20.43 -29.17 -3.64
N CYS C 434 -20.72 -27.90 -3.33
CA CYS C 434 -19.74 -26.84 -3.38
C CYS C 434 -19.77 -26.04 -2.09
N ASP C 435 -18.67 -25.33 -1.83
CA ASP C 435 -18.53 -24.50 -0.64
C ASP C 435 -18.95 -23.08 -0.94
N LEU C 436 -19.55 -22.43 0.05
CA LEU C 436 -20.02 -21.06 -0.11
C LEU C 436 -18.83 -20.10 -0.18
N GLY C 437 -18.96 -19.09 -1.03
CA GLY C 437 -17.91 -18.11 -1.23
C GLY C 437 -17.22 -18.28 -2.58
N ALA C 438 -16.06 -17.62 -2.69
CA ALA C 438 -15.31 -17.60 -3.93
C ALA C 438 -14.24 -18.69 -4.02
N ILE C 439 -13.98 -19.42 -2.94
CA ILE C 439 -12.93 -20.42 -2.90
C ILE C 439 -13.49 -21.72 -2.33
N GLU C 440 -13.20 -22.83 -3.01
CA GLU C 440 -13.57 -24.15 -2.54
C GLU C 440 -12.39 -24.80 -1.83
N TYR C 441 -12.69 -25.50 -0.74
CA TYR C 441 -11.63 -26.19 0.02
C TYR C 441 -10.93 -27.20 -0.87
N ILE C 442 -11.66 -28.20 -1.34
CA ILE C 442 -11.13 -29.19 -2.28
C ILE C 442 -12.22 -29.65 -3.23
N LYS D 1 -24.92 -16.57 -26.31
CA LYS D 1 -26.21 -17.19 -26.63
C LYS D 1 -27.33 -16.15 -26.62
N LEU D 2 -27.03 -14.95 -26.15
CA LEU D 2 -28.03 -13.89 -26.04
C LEU D 2 -27.58 -12.58 -26.65
N PHE D 3 -26.30 -12.23 -26.53
CA PHE D 3 -25.79 -10.93 -26.97
C PHE D 3 -24.96 -11.02 -28.25
N GLY D 4 -24.81 -12.20 -28.85
CA GLY D 4 -24.15 -12.33 -30.12
C GLY D 4 -22.79 -13.00 -30.02
N PRO D 5 -22.34 -13.59 -31.12
CA PRO D 5 -21.04 -14.26 -31.12
C PRO D 5 -19.91 -13.26 -30.93
N ASP D 6 -18.86 -13.70 -30.23
CA ASP D 6 -17.76 -12.83 -29.84
C ASP D 6 -16.50 -13.66 -29.60
N PRO D 7 -15.34 -13.17 -30.02
CA PRO D 7 -14.07 -13.83 -29.68
C PRO D 7 -13.68 -13.53 -28.24
N TYR D 8 -13.62 -14.57 -27.41
CA TYR D 8 -13.23 -14.51 -26.01
C TYR D 8 -14.29 -13.85 -25.13
N LEU D 9 -15.57 -14.10 -25.42
CA LEU D 9 -16.65 -13.88 -24.49
C LEU D 9 -17.26 -15.23 -24.10
N PRO D 10 -17.65 -15.43 -22.85
CA PRO D 10 -18.22 -16.72 -22.46
C PRO D 10 -19.46 -17.04 -23.28
N GLU D 11 -19.66 -18.34 -23.53
CA GLU D 11 -20.75 -18.76 -24.40
C GLU D 11 -22.11 -18.35 -23.87
N ASN D 12 -22.23 -18.20 -22.55
CA ASN D 12 -23.48 -17.73 -21.97
C ASN D 12 -23.79 -16.32 -22.41
N VAL D 13 -22.78 -15.45 -22.46
CA VAL D 13 -22.98 -14.10 -22.97
C VAL D 13 -23.27 -14.13 -24.47
N GLN D 14 -22.57 -14.98 -25.20
CA GLN D 14 -22.76 -15.09 -26.65
C GLN D 14 -24.11 -15.73 -26.97
O1 PG4 E . -12.09 22.27 26.97
C1 PG4 E . -11.32 21.47 26.11
C2 PG4 E . -11.46 21.95 24.69
O2 PG4 E . -10.73 23.12 24.48
C3 PG4 E . -10.51 23.39 23.12
C4 PG4 E . -10.65 24.87 22.84
O3 PG4 E . -9.52 25.56 23.30
C5 PG4 E . -8.36 25.27 22.56
C6 PG4 E . -7.23 26.14 23.03
O4 PG4 E . -6.96 25.91 24.39
C7 PG4 E . -5.87 26.66 24.86
C8 PG4 E . -4.99 25.80 25.74
O5 PG4 E . -5.67 25.47 26.92
O1 PG4 F . 14.65 -15.01 19.27
C1 PG4 F . 14.97 -15.68 20.46
C2 PG4 F . 13.82 -15.59 21.42
O2 PG4 F . 12.64 -16.01 20.79
C3 PG4 F . 11.49 -15.69 21.53
C4 PG4 F . 10.44 -15.10 20.61
O3 PG4 F . 9.25 -14.89 21.32
C5 PG4 F . 9.39 -14.03 22.42
C6 PG4 F . 8.98 -12.64 22.04
O4 PG4 F . 10.03 -11.75 22.28
C7 PG4 F . 10.25 -11.51 23.65
C8 PG4 F . 11.73 -11.35 23.91
O5 PG4 F . 11.93 -10.53 25.03
O1 PG4 G . 6.65 -12.75 14.86
C1 PG4 G . 7.89 -12.86 14.19
C2 PG4 G . 7.67 -12.92 12.71
O2 PG4 G . 8.88 -13.21 12.05
C3 PG4 G . 9.40 -14.48 12.38
C4 PG4 G . 10.82 -14.59 11.91
O3 PG4 G . 11.29 -15.90 12.12
C5 PG4 G . 11.46 -16.20 13.49
C6 PG4 G . 11.31 -17.68 13.70
O4 PG4 G . 12.40 -18.36 13.13
O1 PG4 H . -25.49 11.60 -13.10
C1 PG4 H . -24.95 10.39 -12.64
C2 PG4 H . -24.55 10.53 -11.20
O2 PG4 H . -23.75 11.68 -11.03
C3 PG4 H . -23.24 11.80 -9.73
C4 PG4 H . -22.63 13.17 -9.55
O3 PG4 H . -21.76 13.44 -10.63
C5 PG4 H . -21.22 14.74 -10.59
C6 PG4 H . -21.63 15.48 -11.85
O4 PG4 H . -20.81 15.06 -12.92
C7 PG4 H . -21.42 15.26 -14.17
C8 PG4 H . -20.38 15.25 -15.26
O5 PG4 H . -19.77 13.99 -15.33
#